data_7ZEU
#
_entry.id   7ZEU
#
_cell.length_a   194.440
_cell.length_b   46.438
_cell.length_c   155.173
_cell.angle_alpha   90.000
_cell.angle_beta   127.200
_cell.angle_gamma   90.000
#
_symmetry.space_group_name_H-M   'C 1 2 1'
#
loop_
_entity.id
_entity.type
_entity.pdbx_description
1 polymer Clusterin
2 branched 2-acetamido-2-deoxy-beta-D-glucopyranose-(1-4)-2-acetamido-2-deoxy-beta-D-glucopyranose
3 non-polymer 2-acetamido-2-deoxy-beta-D-glucopyranose
#
_entity_poly.entity_id   1
_entity_poly.type   'polypeptide(L)'
_entity_poly.pdbx_seq_one_letter_code
;DQTVSDNELQEMSNQGSKYVNKEIQNAVNGVKQIKTLIEKTNEERKTLLSNLEEAKKKKEDALNETRESETKLKELPGVC
NETMMALWEECKPCLKQTCMKFYARVCRSGSGLVGRQLEEFLNQSSPFYFWMNGDRIDSLLENDRQQTHMLDVMQDHFSR
ASSIIDELFQDRFFTREPQDTYHYLPFSLPHNFHAMFQPFLEMIHEAQQAMDIHFHSPAFQHPPTEFIREGDDDRTVCRE
IRHNSTGCLRMKDQCDKCREILSVDCSTNNPSQAKLRRELDESLQVAERLTRKYNELLKSYQWKMLNTSSLLEQLNEQFN
WVSRLANLTQGEDQYYLRVTTVASHTSDSDVPSGVTEVVVKLFDSDPITVTVPVEVSRKNPKFMETVAEKALQEYRKKHR
EE
;
_entity_poly.pdbx_strand_id   A,D
#
loop_
_chem_comp.id
_chem_comp.type
_chem_comp.name
_chem_comp.formula
NAG D-saccharide, beta linking 2-acetamido-2-deoxy-beta-D-glucopyranose 'C8 H15 N O6'
#
# COMPACT_ATOMS: atom_id res chain seq x y z
N VAL A 4 -32.35 27.07 -17.97
CA VAL A 4 -32.83 25.98 -17.14
C VAL A 4 -34.35 26.09 -16.94
N SER A 5 -35.04 24.95 -17.04
CA SER A 5 -36.48 24.92 -16.92
C SER A 5 -36.92 25.24 -15.49
N ASP A 6 -38.08 25.88 -15.37
CA ASP A 6 -38.63 26.19 -14.05
C ASP A 6 -39.17 24.94 -13.37
N ASN A 7 -39.71 23.99 -14.15
CA ASN A 7 -40.12 22.72 -13.57
C ASN A 7 -38.93 21.88 -13.15
N GLU A 8 -37.77 22.11 -13.78
CA GLU A 8 -36.55 21.41 -13.39
C GLU A 8 -36.03 21.94 -12.06
N LEU A 9 -35.99 23.27 -11.90
CA LEU A 9 -35.44 23.86 -10.68
C LEU A 9 -36.21 23.40 -9.44
N GLN A 10 -37.54 23.41 -9.52
CA GLN A 10 -38.34 23.05 -8.35
C GLN A 10 -38.15 21.59 -7.95
N GLU A 11 -37.83 20.72 -8.91
CA GLU A 11 -37.55 19.34 -8.58
C GLU A 11 -36.12 19.17 -8.08
N MET A 12 -35.18 19.94 -8.63
CA MET A 12 -33.81 19.96 -8.10
C MET A 12 -33.81 20.43 -6.66
N SER A 13 -34.48 21.56 -6.39
CA SER A 13 -34.59 22.05 -5.02
C SER A 13 -35.24 21.01 -4.13
N ASN A 14 -36.33 20.40 -4.61
CA ASN A 14 -37.00 19.37 -3.83
C ASN A 14 -36.07 18.20 -3.58
N GLN A 15 -35.19 17.90 -4.52
CA GLN A 15 -34.21 16.84 -4.33
C GLN A 15 -33.12 17.29 -3.37
N GLY A 16 -32.63 18.52 -3.53
CA GLY A 16 -31.53 19.00 -2.70
C GLY A 16 -31.90 19.15 -1.25
N SER A 17 -33.19 19.36 -0.98
CA SER A 17 -33.64 19.47 0.40
C SER A 17 -33.62 18.13 1.11
N LYS A 18 -33.67 17.02 0.37
CA LYS A 18 -33.55 15.71 1.00
C LYS A 18 -32.15 15.49 1.55
N TYR A 19 -31.13 16.05 0.91
CA TYR A 19 -29.77 15.93 1.40
C TYR A 19 -29.53 16.75 2.65
N VAL A 20 -30.43 17.68 2.97
CA VAL A 20 -30.31 18.42 4.22
C VAL A 20 -30.79 17.58 5.39
N ASN A 21 -31.88 16.84 5.21
CA ASN A 21 -32.33 15.90 6.24
C ASN A 21 -31.23 14.90 6.57
N LYS A 22 -30.44 14.52 5.57
CA LYS A 22 -29.33 13.60 5.81
C LYS A 22 -28.22 14.27 6.62
N GLU A 23 -27.94 15.54 6.32
CA GLU A 23 -26.89 16.24 7.04
C GLU A 23 -27.16 16.30 8.54
N ILE A 24 -28.43 16.30 8.93
CA ILE A 24 -28.78 16.25 10.35
C ILE A 24 -28.23 14.97 10.98
N GLN A 25 -28.58 13.83 10.38
CA GLN A 25 -28.08 12.55 10.89
C GLN A 25 -26.57 12.46 10.78
N ASN A 26 -26.00 13.07 9.74
CA ASN A 26 -24.55 13.08 9.58
C ASN A 26 -23.88 13.89 10.69
N ALA A 27 -24.46 15.04 11.03
CA ALA A 27 -23.87 15.87 12.08
C ALA A 27 -23.98 15.20 13.43
N VAL A 28 -25.07 14.45 13.66
CA VAL A 28 -25.21 13.73 14.92
C VAL A 28 -24.21 12.60 15.01
N ASN A 29 -23.98 11.89 13.90
CA ASN A 29 -22.95 10.85 13.90
C ASN A 29 -21.58 11.45 14.14
N GLY A 30 -21.32 12.64 13.58
CA GLY A 30 -20.02 13.27 13.76
C GLY A 30 -19.69 13.54 15.21
N VAL A 31 -20.71 13.77 16.03
CA VAL A 31 -20.49 13.86 17.47
C VAL A 31 -19.95 12.56 18.00
N LYS A 32 -20.59 11.45 17.65
CA LYS A 32 -20.14 10.14 18.11
C LYS A 32 -18.77 9.78 17.55
N GLN A 33 -18.44 10.27 16.35
CA GLN A 33 -17.10 10.07 15.81
C GLN A 33 -16.06 10.80 16.66
N ILE A 34 -16.39 12.01 17.11
CA ILE A 34 -15.50 12.75 17.98
C ILE A 34 -15.45 12.10 19.36
N LYS A 35 -16.61 11.67 19.86
CA LYS A 35 -16.69 11.05 21.18
C LYS A 35 -15.69 9.91 21.33
N THR A 36 -15.62 9.04 20.33
CA THR A 36 -14.69 7.93 20.41
C THR A 36 -13.25 8.39 20.27
N LEU A 37 -13.00 9.38 19.41
CA LEU A 37 -11.64 9.92 19.27
C LEU A 37 -11.12 10.45 20.60
N ILE A 38 -11.98 11.14 21.35
CA ILE A 38 -11.58 11.64 22.67
C ILE A 38 -11.27 10.48 23.60
N GLU A 39 -12.19 9.52 23.69
CA GLU A 39 -11.96 8.35 24.53
C GLU A 39 -10.69 7.63 24.14
N LYS A 40 -10.45 7.48 22.84
CA LYS A 40 -9.21 6.85 22.37
C LYS A 40 -8.00 7.64 22.82
N THR A 41 -8.02 8.96 22.59
CA THR A 41 -6.92 9.80 23.06
C THR A 41 -6.81 9.77 24.57
N ASN A 42 -7.93 9.60 25.28
CA ASN A 42 -7.89 9.48 26.72
C ASN A 42 -7.23 8.19 27.17
N GLU A 43 -7.34 7.13 26.36
CA GLU A 43 -6.68 5.88 26.68
C GLU A 43 -5.20 5.91 26.31
N GLU A 44 -4.86 6.62 25.23
CA GLU A 44 -3.45 6.72 24.84
C GLU A 44 -2.63 7.41 25.92
N ARG A 45 -3.24 8.32 26.69
CA ARG A 45 -2.49 8.99 27.74
C ARG A 45 -2.49 8.17 29.03
N LYS A 46 -3.53 7.37 29.25
CA LYS A 46 -3.48 6.43 30.37
C LYS A 46 -2.38 5.40 30.15
N THR A 47 -2.12 5.01 28.91
CA THR A 47 -0.95 4.23 28.59
C THR A 47 0.32 5.03 28.85
N LEU A 48 0.35 6.29 28.40
CA LEU A 48 1.53 7.12 28.57
C LEU A 48 1.78 7.44 30.03
N LEU A 49 0.74 7.39 30.85
CA LEU A 49 0.89 7.68 32.27
C LEU A 49 1.65 6.56 32.98
N SER A 50 1.29 5.31 32.69
CA SER A 50 1.99 4.19 33.32
C SER A 50 3.45 4.14 32.90
N ASN A 51 3.76 4.56 31.68
CA ASN A 51 5.16 4.67 31.28
C ASN A 51 5.89 5.69 32.12
N LEU A 52 5.23 6.81 32.44
CA LEU A 52 5.85 7.82 33.29
C LEU A 52 5.96 7.34 34.73
N GLU A 53 5.01 6.51 35.18
CA GLU A 53 5.15 5.90 36.50
C GLU A 53 6.41 5.05 36.57
N GLU A 54 6.69 4.29 35.51
CA GLU A 54 7.88 3.45 35.49
C GLU A 54 9.14 4.29 35.28
N ALA A 55 9.11 5.20 34.31
CA ALA A 55 10.28 6.02 34.03
C ALA A 55 10.70 6.82 35.25
N LYS A 56 9.73 7.27 36.05
CA LYS A 56 10.06 7.99 37.27
C LYS A 56 10.79 7.09 38.25
N LYS A 57 10.34 5.84 38.37
CA LYS A 57 11.01 4.89 39.25
C LYS A 57 12.46 4.69 38.83
N LYS A 58 12.69 4.48 37.53
CA LYS A 58 14.06 4.31 37.04
C LYS A 58 14.88 5.56 37.27
N LYS A 59 14.26 6.74 37.16
CA LYS A 59 14.99 7.98 37.40
C LYS A 59 15.39 8.11 38.87
N GLU A 60 14.44 7.90 39.78
CA GLU A 60 14.72 8.09 41.20
C GLU A 60 15.69 7.04 41.71
N ASP A 61 15.74 5.88 41.06
CA ASP A 61 16.75 4.90 41.42
C ASP A 61 18.13 5.28 40.89
N ALA A 62 18.17 5.93 39.73
CA ALA A 62 19.44 6.42 39.20
C ALA A 62 19.97 7.59 40.01
N LEU A 63 19.11 8.29 40.73
CA LEU A 63 19.55 9.40 41.55
C LEU A 63 20.08 8.90 42.90
N ASN A 64 19.42 7.89 43.48
CA ASN A 64 19.95 7.29 44.70
C ASN A 64 21.37 6.79 44.49
N GLU A 65 21.60 6.09 43.37
CA GLU A 65 22.96 5.63 43.07
C GLU A 65 23.90 6.80 42.87
N THR A 66 23.40 7.91 42.33
CA THR A 66 24.21 9.12 42.23
C THR A 66 24.47 9.71 43.61
N ARG A 67 23.45 9.76 44.47
CA ARG A 67 23.66 10.25 45.82
C ARG A 67 24.60 9.34 46.61
N GLU A 68 24.58 8.04 46.30
CA GLU A 68 25.49 7.11 46.95
C GLU A 68 26.90 7.25 46.40
N SER A 69 27.04 7.37 45.07
CA SER A 69 28.36 7.63 44.50
C SER A 69 28.94 8.95 45.00
N GLU A 70 28.08 9.91 45.33
CA GLU A 70 28.54 11.18 45.89
C GLU A 70 29.08 10.98 47.29
N THR A 71 28.26 10.44 48.20
CA THR A 71 28.67 10.32 49.60
C THR A 71 29.89 9.42 49.76
N LYS A 72 30.05 8.43 48.87
CA LYS A 72 31.27 7.62 48.92
C LYS A 72 32.51 8.47 48.70
N LEU A 73 32.43 9.43 47.78
CA LEU A 73 33.57 10.31 47.54
C LEU A 73 33.80 11.23 48.73
N LYS A 74 32.72 11.67 49.39
CA LYS A 74 32.87 12.55 50.54
C LYS A 74 33.56 11.87 51.70
N GLU A 75 33.21 10.61 51.96
CA GLU A 75 33.69 9.90 53.13
C GLU A 75 35.05 9.25 52.92
N LEU A 76 35.59 9.30 51.71
CA LEU A 76 36.93 8.78 51.44
C LEU A 76 37.96 9.64 52.15
N PRO A 77 38.66 9.13 53.17
CA PRO A 77 39.55 9.98 53.97
C PRO A 77 40.68 10.59 53.14
N GLY A 78 41.19 11.71 53.64
CA GLY A 78 42.19 12.50 52.94
C GLY A 78 41.72 13.93 52.78
N VAL A 79 42.65 14.86 52.57
CA VAL A 79 42.32 16.27 52.51
C VAL A 79 42.89 16.86 51.22
N CYS A 80 42.24 17.92 50.76
CA CYS A 80 42.67 18.63 49.55
C CYS A 80 43.76 19.63 49.88
N ASN A 81 44.68 19.83 48.93
CA ASN A 81 45.76 20.78 49.13
C ASN A 81 45.22 22.20 49.26
N GLU A 82 45.89 23.00 50.10
CA GLU A 82 45.49 24.39 50.30
C GLU A 82 45.56 25.22 49.03
N THR A 83 46.23 24.72 47.99
CA THR A 83 46.24 25.42 46.70
C THR A 83 44.84 25.64 46.17
N MET A 84 43.88 24.79 46.57
CA MET A 84 42.51 24.92 46.09
C MET A 84 41.93 26.31 46.42
N MET A 85 42.19 26.80 47.62
CA MET A 85 41.65 28.10 48.01
C MET A 85 42.31 29.23 47.21
N ALA A 86 43.52 29.01 46.72
CA ALA A 86 44.21 30.06 45.98
C ALA A 86 43.61 30.24 44.59
N LEU A 87 43.29 29.13 43.93
CA LEU A 87 42.61 29.20 42.63
C LEU A 87 41.23 29.80 42.79
N TRP A 88 40.52 29.42 43.85
CA TRP A 88 39.13 29.81 44.05
C TRP A 88 38.97 31.32 44.08
N GLU A 89 39.97 32.02 44.60
CA GLU A 89 39.90 33.48 44.67
C GLU A 89 40.20 34.14 43.33
N GLU A 90 40.79 33.42 42.39
CA GLU A 90 40.96 33.90 41.03
C GLU A 90 39.95 33.29 40.07
N CYS A 91 39.22 32.26 40.52
CA CYS A 91 38.18 31.67 39.70
C CYS A 91 36.87 32.44 39.82
N LYS A 92 36.54 32.88 41.04
CA LYS A 92 35.31 33.67 41.22
C LYS A 92 35.30 34.95 40.41
N PRO A 93 36.33 35.80 40.43
CA PRO A 93 36.25 37.03 39.62
C PRO A 93 36.26 36.75 38.13
N CYS A 94 36.96 35.70 37.69
CA CYS A 94 36.93 35.34 36.28
C CYS A 94 35.52 34.92 35.87
N LEU A 95 34.90 34.04 36.66
CA LEU A 95 33.58 33.52 36.31
C LEU A 95 32.54 34.64 36.30
N LYS A 96 32.61 35.55 37.27
CA LYS A 96 31.68 36.67 37.31
C LYS A 96 31.81 37.53 36.05
N GLN A 97 33.03 37.96 35.75
CA GLN A 97 33.25 38.80 34.57
C GLN A 97 32.79 38.10 33.30
N THR A 98 32.95 36.78 33.23
CA THR A 98 32.54 36.05 32.04
C THR A 98 31.02 36.10 31.86
N CYS A 99 30.28 35.78 32.92
CA CYS A 99 28.83 35.75 32.80
C CYS A 99 28.25 37.14 32.60
N MET A 100 28.88 38.16 33.18
CA MET A 100 28.42 39.53 32.95
C MET A 100 28.64 39.94 31.50
N LYS A 101 29.80 39.61 30.94
CA LYS A 101 30.04 39.86 29.52
C LYS A 101 28.99 39.16 28.67
N PHE A 102 28.85 37.83 28.85
CA PHE A 102 27.87 37.08 28.07
C PHE A 102 26.47 37.68 28.16
N TYR A 103 26.06 38.09 29.36
CA TYR A 103 24.73 38.66 29.54
C TYR A 103 24.61 39.99 28.80
N ALA A 104 25.65 40.82 28.88
CA ALA A 104 25.62 42.11 28.21
C ALA A 104 25.70 41.96 26.69
N ARG A 105 26.53 41.03 26.22
CA ARG A 105 26.66 40.78 24.79
C ARG A 105 25.35 40.25 24.21
N VAL A 106 25.01 39.01 24.55
CA VAL A 106 23.95 38.29 23.88
C VAL A 106 22.58 38.67 24.43
N CYS A 107 22.36 38.42 25.72
CA CYS A 107 21.04 38.64 26.31
C CYS A 107 20.63 40.10 26.29
N ARG A 108 21.59 41.02 26.43
CA ARG A 108 21.34 42.45 26.44
C ARG A 108 20.36 42.84 27.55
N SER A 109 20.88 43.01 28.75
CA SER A 109 20.07 43.47 29.87
C SER A 109 21.05 43.94 30.96
N GLY A 110 20.55 44.11 32.17
CA GLY A 110 21.38 44.56 33.28
C GLY A 110 22.35 43.53 33.79
N SER A 111 23.59 43.60 33.31
CA SER A 111 24.62 42.65 33.73
C SER A 111 25.02 42.85 35.18
N GLY A 112 24.76 44.02 35.75
CA GLY A 112 25.13 44.26 37.13
C GLY A 112 24.34 43.41 38.11
N LEU A 113 23.02 43.32 37.90
CA LEU A 113 22.18 42.51 38.79
C LEU A 113 22.64 41.05 38.79
N VAL A 114 22.95 40.51 37.61
CA VAL A 114 23.44 39.14 37.53
C VAL A 114 24.74 39.00 38.30
N GLY A 115 25.67 39.94 38.11
CA GLY A 115 26.95 39.85 38.79
C GLY A 115 26.84 39.87 40.30
N ARG A 116 25.89 40.68 40.82
CA ARG A 116 25.66 40.69 42.27
C ARG A 116 25.19 39.33 42.74
N GLN A 117 24.11 38.82 42.15
CA GLN A 117 23.58 37.51 42.54
C GLN A 117 24.62 36.42 42.43
N LEU A 118 25.41 36.45 41.35
CA LEU A 118 26.44 35.44 41.16
C LEU A 118 27.53 35.56 42.22
N GLU A 119 28.03 36.78 42.43
CA GLU A 119 29.03 37.00 43.48
C GLU A 119 28.45 36.65 44.85
N GLU A 120 27.17 36.95 45.06
CA GLU A 120 26.50 36.52 46.29
C GLU A 120 26.51 35.01 46.42
N PHE A 121 26.32 34.30 45.30
CA PHE A 121 26.33 32.84 45.37
C PHE A 121 27.74 32.30 45.48
N LEU A 122 28.70 32.99 44.86
CA LEU A 122 30.07 32.51 44.88
C LEU A 122 30.74 32.72 46.24
N ASN A 123 30.24 33.65 47.07
CA ASN A 123 30.77 33.79 48.42
C ASN A 123 30.18 32.76 49.37
N GLN A 124 28.93 32.35 49.16
CA GLN A 124 28.31 31.31 49.96
C GLN A 124 28.59 29.90 49.44
N SER A 125 29.58 29.77 48.56
CA SER A 125 29.93 28.47 47.99
C SER A 125 31.43 28.23 48.17
N SER A 126 31.79 26.96 48.11
CA SER A 126 33.18 26.53 48.24
C SER A 126 33.64 25.86 46.95
N PRO A 127 34.94 25.89 46.66
CA PRO A 127 35.43 25.18 45.46
C PRO A 127 35.25 23.68 45.54
N PHE A 128 35.05 23.13 46.73
CA PHE A 128 34.73 21.72 46.87
C PHE A 128 33.42 21.39 46.16
N TYR A 129 32.49 22.34 46.14
CA TYR A 129 31.23 22.16 45.43
C TYR A 129 31.47 21.89 43.95
N PHE A 130 32.31 22.71 43.31
CA PHE A 130 32.64 22.49 41.91
C PHE A 130 33.43 21.19 41.72
N TRP A 131 34.36 20.92 42.64
CA TRP A 131 35.23 19.74 42.50
C TRP A 131 34.42 18.46 42.58
N MET A 132 33.39 18.42 43.43
CA MET A 132 32.53 17.27 43.55
C MET A 132 31.33 17.33 42.61
N ASN A 133 31.38 18.19 41.60
CA ASN A 133 30.31 18.30 40.60
C ASN A 133 28.95 18.53 41.26
N GLY A 134 28.92 19.39 42.27
CA GLY A 134 27.66 19.70 42.92
C GLY A 134 26.72 20.47 42.01
N ASP A 135 27.27 21.25 41.07
CA ASP A 135 26.43 22.01 40.15
C ASP A 135 25.56 21.08 39.32
N ARG A 136 26.15 20.01 38.80
CA ARG A 136 25.37 19.03 38.04
C ARG A 136 24.40 18.28 38.96
N ILE A 137 24.88 17.87 40.15
CA ILE A 137 24.02 17.15 41.08
C ILE A 137 22.80 17.98 41.44
N ASP A 138 23.01 19.26 41.77
CA ASP A 138 21.90 20.12 42.10
C ASP A 138 21.04 20.43 40.88
N SER A 139 21.65 20.46 39.69
CA SER A 139 20.88 20.67 38.47
C SER A 139 19.85 19.56 38.27
N LEU A 140 20.27 18.31 38.42
CA LEU A 140 19.35 17.19 38.27
C LEU A 140 18.20 17.29 39.27
N LEU A 141 18.53 17.50 40.55
CA LEU A 141 17.50 17.58 41.58
C LEU A 141 16.46 18.63 41.24
N GLU A 142 16.90 19.78 40.72
CA GLU A 142 15.97 20.82 40.31
C GLU A 142 15.05 20.34 39.20
N ASN A 143 15.63 19.70 38.18
CA ASN A 143 14.82 19.18 37.08
C ASN A 143 13.84 18.11 37.57
N ASP A 144 14.24 17.33 38.58
CA ASP A 144 13.36 16.28 39.09
C ASP A 144 12.12 16.88 39.73
N ARG A 145 12.29 17.95 40.52
CA ARG A 145 11.15 18.64 41.12
C ARG A 145 10.21 19.16 40.04
N GLN A 146 10.75 19.91 39.07
CA GLN A 146 9.94 20.48 38.01
C GLN A 146 9.17 19.41 37.25
N GLN A 147 9.84 18.29 36.95
CA GLN A 147 9.17 17.21 36.25
C GLN A 147 8.09 16.57 37.12
N THR A 148 8.36 16.45 38.42
CA THR A 148 7.32 16.00 39.34
C THR A 148 6.19 17.01 39.41
N HIS A 149 6.53 18.30 39.40
CA HIS A 149 5.53 19.34 39.48
C HIS A 149 4.75 19.44 38.18
N MET A 150 5.47 19.48 37.05
CA MET A 150 4.80 19.60 35.75
C MET A 150 3.83 18.47 35.51
N LEU A 151 4.11 17.29 36.05
CA LEU A 151 3.19 16.17 35.89
C LEU A 151 2.00 16.30 36.83
N ASP A 152 2.24 16.70 38.08
CA ASP A 152 1.15 16.97 39.00
C ASP A 152 0.22 18.04 38.46
N VAL A 153 0.76 18.98 37.69
CA VAL A 153 -0.07 20.01 37.04
C VAL A 153 -0.89 19.39 35.93
N MET A 154 -0.23 18.73 34.97
CA MET A 154 -0.97 18.12 33.86
C MET A 154 -1.99 17.12 34.38
N GLN A 155 -1.58 16.29 35.35
CA GLN A 155 -2.50 15.27 35.87
C GLN A 155 -3.70 15.89 36.54
N ASP A 156 -3.57 17.11 37.07
CA ASP A 156 -4.70 17.69 37.77
C ASP A 156 -5.69 18.35 36.81
N HIS A 157 -5.21 18.86 35.69
CA HIS A 157 -6.11 19.42 34.69
C HIS A 157 -6.79 18.32 33.88
N PHE A 158 -6.02 17.31 33.48
CA PHE A 158 -6.55 16.28 32.60
C PHE A 158 -7.59 15.41 33.30
N SER A 159 -7.21 14.80 34.43
CA SER A 159 -8.13 13.91 35.13
C SER A 159 -9.36 14.64 35.64
N ARG A 160 -9.29 15.96 35.82
CA ARG A 160 -10.48 16.74 36.15
C ARG A 160 -11.41 16.83 34.95
N ALA A 161 -10.87 17.25 33.80
CA ALA A 161 -11.67 17.31 32.59
C ALA A 161 -12.12 15.91 32.17
N SER A 162 -11.27 14.90 32.37
CA SER A 162 -11.64 13.53 32.02
C SER A 162 -12.90 13.10 32.79
N SER A 163 -13.03 13.54 34.03
CA SER A 163 -14.21 13.19 34.80
C SER A 163 -15.42 13.99 34.37
N ILE A 164 -15.21 15.24 33.93
CA ILE A 164 -16.32 16.02 33.38
C ILE A 164 -16.85 15.34 32.12
N ILE A 165 -15.95 14.89 31.24
CA ILE A 165 -16.36 14.20 30.03
C ILE A 165 -17.01 12.87 30.35
N ASP A 166 -16.57 12.19 31.40
CA ASP A 166 -17.18 10.92 31.81
C ASP A 166 -18.52 11.11 32.50
N GLU A 167 -18.96 12.35 32.69
CA GLU A 167 -20.34 12.61 33.07
C GLU A 167 -21.19 13.02 31.88
N LEU A 168 -20.55 13.57 30.83
CA LEU A 168 -21.27 13.92 29.61
C LEU A 168 -21.58 12.68 28.79
N PHE A 169 -20.59 11.81 28.61
CA PHE A 169 -20.76 10.64 27.76
C PHE A 169 -21.64 9.57 28.38
N GLN A 170 -22.12 9.75 29.62
CA GLN A 170 -23.06 8.80 30.19
C GLN A 170 -24.45 8.95 29.58
N ASP A 171 -24.75 10.10 28.99
CA ASP A 171 -26.06 10.32 28.41
C ASP A 171 -26.28 9.38 27.23
N ARG A 172 -27.47 8.79 27.16
CA ARG A 172 -27.79 7.81 26.12
C ARG A 172 -27.80 8.42 24.72
N PHE A 173 -27.78 9.75 24.62
CA PHE A 173 -27.50 10.41 23.35
C PHE A 173 -26.27 9.83 22.68
N PHE A 174 -25.25 9.52 23.48
CA PHE A 174 -23.98 9.02 22.96
C PHE A 174 -23.96 7.49 22.91
N PRO A 190 -35.85 16.56 19.44
CA PRO A 190 -37.16 17.11 19.78
C PRO A 190 -37.25 18.61 19.54
N HIS A 191 -38.45 19.17 19.66
CA HIS A 191 -38.61 20.61 19.57
C HIS A 191 -37.99 21.32 20.78
N ASN A 192 -37.81 20.60 21.89
CA ASN A 192 -37.20 21.16 23.09
C ASN A 192 -35.79 20.64 23.25
N PHE A 193 -34.92 20.94 22.26
CA PHE A 193 -33.53 20.54 22.35
C PHE A 193 -32.71 21.52 23.17
N HIS A 194 -33.15 22.78 23.24
CA HIS A 194 -32.45 23.78 24.02
C HIS A 194 -32.36 23.40 25.50
N ALA A 195 -33.13 22.40 25.93
CA ALA A 195 -33.05 21.89 27.29
C ALA A 195 -31.89 20.90 27.44
N MET A 196 -31.54 20.18 26.36
CA MET A 196 -30.32 19.39 26.36
C MET A 196 -29.11 20.21 25.95
N PHE A 197 -29.34 21.22 25.11
CA PHE A 197 -28.28 22.06 24.55
C PHE A 197 -27.38 22.64 25.64
N GLN A 198 -27.98 23.39 26.57
CA GLN A 198 -27.19 24.08 27.59
C GLN A 198 -26.43 23.12 28.51
N PRO A 199 -27.02 22.04 29.05
CA PRO A 199 -26.23 21.14 29.90
C PRO A 199 -25.03 20.55 29.20
N PHE A 200 -25.17 20.16 27.94
CA PHE A 200 -24.05 19.57 27.23
C PHE A 200 -22.99 20.61 26.91
N LEU A 201 -23.40 21.77 26.39
CA LEU A 201 -22.44 22.75 25.91
C LEU A 201 -21.61 23.32 27.05
N GLU A 202 -22.23 23.50 28.22
CA GLU A 202 -21.49 24.04 29.35
C GLU A 202 -20.48 23.03 29.89
N MET A 203 -20.83 21.74 29.84
CA MET A 203 -19.88 20.71 30.25
C MET A 203 -18.64 20.74 29.38
N ILE A 204 -18.80 21.02 28.08
CA ILE A 204 -17.65 21.12 27.20
C ILE A 204 -16.80 22.33 27.55
N HIS A 205 -17.44 23.43 27.93
CA HIS A 205 -16.69 24.60 28.35
C HIS A 205 -15.95 24.34 29.65
N GLU A 206 -16.59 23.67 30.61
CA GLU A 206 -15.95 23.37 31.88
C GLU A 206 -14.75 22.46 31.69
N ALA A 207 -14.86 21.51 30.75
CA ALA A 207 -13.72 20.64 30.46
C ALA A 207 -12.62 21.41 29.74
N GLN A 208 -12.99 22.27 28.79
CA GLN A 208 -12.01 23.01 28.02
C GLN A 208 -11.13 23.88 28.91
N GLN A 209 -11.76 24.68 29.78
CA GLN A 209 -10.99 25.60 30.61
C GLN A 209 -10.09 24.86 31.60
N ALA A 210 -10.46 23.64 31.98
CA ALA A 210 -9.59 22.84 32.83
C ALA A 210 -8.27 22.56 32.12
N MET A 211 -8.31 22.30 30.81
CA MET A 211 -7.12 21.84 30.09
C MET A 211 -6.19 22.97 29.67
N ASP A 212 -6.66 24.20 29.58
CA ASP A 212 -5.85 25.26 29.03
C ASP A 212 -4.69 25.62 29.96
N ILE A 213 -3.50 25.72 29.40
CA ILE A 213 -2.30 26.06 30.16
C ILE A 213 -1.45 27.08 29.43
N ASP A 233 19.15 28.01 22.10
CA ASP A 233 20.45 27.92 22.74
C ASP A 233 20.77 29.19 23.52
N ASP A 234 21.02 30.28 22.79
CA ASP A 234 21.33 31.54 23.47
C ASP A 234 20.10 32.12 24.15
N ARG A 235 18.93 31.99 23.54
CA ARG A 235 17.71 32.44 24.20
C ARG A 235 17.44 31.62 25.45
N THR A 236 17.74 30.32 25.41
CA THR A 236 17.45 29.45 26.55
C THR A 236 18.37 29.74 27.73
N VAL A 237 19.67 29.89 27.46
CA VAL A 237 20.62 30.11 28.55
C VAL A 237 20.37 31.44 29.22
N CYS A 238 19.98 32.45 28.43
CA CYS A 238 19.68 33.75 29.01
C CYS A 238 18.43 33.69 29.87
N ARG A 239 17.52 32.77 29.57
CA ARG A 239 16.37 32.57 30.45
C ARG A 239 16.78 31.92 31.76
N GLU A 240 17.74 30.99 31.70
CA GLU A 240 18.19 30.32 32.91
C GLU A 240 18.97 31.27 33.81
N ILE A 241 19.70 32.20 33.22
CA ILE A 241 20.43 33.19 34.01
C ILE A 241 19.45 34.14 34.69
N ARG A 242 18.31 34.41 34.05
CA ARG A 242 17.28 35.21 34.71
C ARG A 242 16.64 34.44 35.88
N HIS A 243 16.36 33.15 35.68
CA HIS A 243 15.72 32.36 36.73
C HIS A 243 16.61 32.25 37.96
N ASN A 244 17.92 32.08 37.74
CA ASN A 244 18.85 31.85 38.82
C ASN A 244 20.26 32.13 38.31
N SER A 245 21.03 32.90 39.08
CA SER A 245 22.40 33.21 38.69
C SER A 245 23.25 31.95 38.53
N THR A 246 22.84 30.85 39.17
CA THR A 246 23.52 29.59 38.98
C THR A 246 23.60 29.14 37.52
N GLY A 247 22.92 29.80 36.59
CA GLY A 247 23.06 29.42 35.19
C GLY A 247 24.45 29.70 34.65
N CYS A 248 25.17 30.65 35.28
CA CYS A 248 26.49 31.01 34.79
C CYS A 248 27.48 29.86 34.92
N LEU A 249 27.17 28.87 35.76
CA LEU A 249 28.13 27.81 36.04
C LEU A 249 28.40 26.91 34.84
N ARG A 250 27.65 27.08 33.74
CA ARG A 250 28.01 26.43 32.49
C ARG A 250 29.29 27.02 31.91
N MET A 251 29.54 28.30 32.16
CA MET A 251 30.69 28.99 31.63
C MET A 251 31.92 28.87 32.51
N LYS A 252 31.91 27.96 33.48
CA LYS A 252 33.12 27.67 34.24
C LYS A 252 34.20 27.11 33.33
N ASP A 253 33.80 26.47 32.22
CA ASP A 253 34.77 25.96 31.27
C ASP A 253 35.61 27.06 30.67
N GLN A 254 35.07 28.28 30.59
CA GLN A 254 35.84 29.39 30.00
C GLN A 254 37.03 29.75 30.87
N CYS A 255 36.85 29.76 32.19
CA CYS A 255 37.91 30.19 33.10
C CYS A 255 38.92 29.09 33.30
N ASP A 256 40.20 29.47 33.30
CA ASP A 256 41.27 28.50 33.49
C ASP A 256 41.42 28.12 34.96
N LYS A 257 41.34 29.09 35.87
CA LYS A 257 41.51 28.80 37.29
C LYS A 257 40.43 27.85 37.79
N CYS A 258 39.20 28.00 37.28
CA CYS A 258 38.14 27.09 37.68
C CYS A 258 38.36 25.70 37.10
N ARG A 259 39.01 25.60 35.94
CA ARG A 259 39.31 24.29 35.39
C ARG A 259 40.38 23.58 36.21
N GLU A 260 41.31 24.36 36.78
CA GLU A 260 42.37 23.77 37.58
C GLU A 260 41.83 23.21 38.89
N ILE A 261 40.82 23.87 39.45
CA ILE A 261 40.28 23.45 40.75
C ILE A 261 39.82 22.01 40.69
N LEU A 262 39.33 21.57 39.54
CA LEU A 262 38.82 20.21 39.42
C LEU A 262 39.95 19.18 39.56
N SER A 263 41.17 19.58 39.27
CA SER A 263 42.28 18.64 39.29
C SER A 263 43.23 18.92 40.45
N VAL A 264 42.71 18.86 41.68
CA VAL A 264 43.53 18.96 42.88
C VAL A 264 43.46 17.65 43.62
N ASP A 265 44.60 17.20 44.15
CA ASP A 265 44.68 15.91 44.80
C ASP A 265 44.07 16.00 46.20
N CYS A 266 42.94 15.33 46.39
CA CYS A 266 42.35 15.10 47.69
C CYS A 266 42.52 13.63 48.04
N SER A 267 41.84 13.18 49.08
CA SER A 267 41.81 11.77 49.49
C SER A 267 43.21 11.20 49.68
N THR A 268 44.20 12.08 49.90
CA THR A 268 45.61 11.70 49.98
C THR A 268 46.05 10.88 48.76
N ASN A 269 45.63 11.31 47.57
CA ASN A 269 46.15 10.80 46.30
C ASN A 269 45.95 9.28 46.15
N ASN A 270 44.79 8.80 46.58
CA ASN A 270 44.48 7.39 46.43
C ASN A 270 43.99 7.07 45.02
N PRO A 271 44.19 5.83 44.55
CA PRO A 271 43.54 5.43 43.30
C PRO A 271 42.04 5.31 43.43
N SER A 272 41.53 5.08 44.64
CA SER A 272 40.09 5.02 44.86
C SER A 272 39.42 6.35 44.56
N GLN A 273 40.16 7.45 44.70
CA GLN A 273 39.62 8.77 44.39
C GLN A 273 39.21 8.85 42.92
N ALA A 274 40.18 8.69 42.02
CA ALA A 274 39.88 8.77 40.60
C ALA A 274 38.90 7.68 40.19
N LYS A 275 38.83 6.59 40.94
CA LYS A 275 37.84 5.55 40.68
C LYS A 275 36.45 6.02 41.08
N LEU A 276 36.32 6.56 42.29
CA LEU A 276 35.02 7.05 42.74
C LEU A 276 34.57 8.29 41.96
N ARG A 277 35.53 9.13 41.53
CA ARG A 277 35.15 10.29 40.74
C ARG A 277 34.59 9.89 39.38
N ARG A 278 35.20 8.89 38.75
CA ARG A 278 34.65 8.38 37.50
C ARG A 278 33.30 7.70 37.74
N GLU A 279 33.18 6.95 38.84
CA GLU A 279 31.93 6.29 39.14
C GLU A 279 30.81 7.31 39.35
N LEU A 280 31.12 8.45 39.95
CA LEU A 280 30.15 9.52 40.09
C LEU A 280 29.77 10.11 38.74
N ASP A 281 30.78 10.53 37.98
CA ASP A 281 30.58 11.03 36.62
C ASP A 281 29.63 10.13 35.83
N GLU A 282 29.81 8.81 35.92
CA GLU A 282 28.95 7.90 35.18
C GLU A 282 27.53 7.89 35.74
N SER A 283 27.40 7.76 37.05
CA SER A 283 26.07 7.74 37.66
C SER A 283 25.30 9.03 37.38
N LEU A 284 26.00 10.13 37.09
CA LEU A 284 25.31 11.34 36.65
C LEU A 284 24.77 11.20 35.24
N GLN A 285 25.64 10.79 34.30
CA GLN A 285 25.23 10.55 32.91
C GLN A 285 23.95 9.74 32.84
N VAL A 286 23.85 8.70 33.67
CA VAL A 286 22.65 7.89 33.71
C VAL A 286 21.46 8.73 34.18
N ALA A 287 21.62 9.42 35.30
CA ALA A 287 20.53 10.23 35.82
C ALA A 287 20.21 11.41 34.89
N GLU A 288 21.20 11.92 34.18
CA GLU A 288 20.95 12.99 33.22
C GLU A 288 20.18 12.46 32.01
N ARG A 289 20.59 11.30 31.49
CA ARG A 289 19.90 10.74 30.34
C ARG A 289 18.46 10.35 30.68
N LEU A 290 18.27 9.72 31.83
CA LEU A 290 16.92 9.35 32.24
C LEU A 290 16.05 10.59 32.46
N THR A 291 16.65 11.71 32.84
CA THR A 291 15.88 12.94 32.96
C THR A 291 15.44 13.45 31.59
N ARG A 292 16.30 13.29 30.57
CA ARG A 292 15.91 13.67 29.22
C ARG A 292 14.75 12.81 28.73
N LYS A 293 14.89 11.49 28.85
CA LYS A 293 13.85 10.58 28.37
C LYS A 293 12.53 10.81 29.09
N TYR A 294 12.57 11.34 30.32
CA TYR A 294 11.34 11.68 31.01
C TYR A 294 10.71 12.94 30.42
N ASN A 295 11.54 13.92 30.05
CA ASN A 295 11.03 15.14 29.43
C ASN A 295 10.29 14.82 28.13
N GLU A 296 10.85 13.94 27.31
CA GLU A 296 10.21 13.59 26.05
C GLU A 296 8.89 12.86 26.29
N LEU A 297 8.77 12.15 27.40
CA LEU A 297 7.48 11.58 27.78
C LEU A 297 6.52 12.64 28.31
N LEU A 298 7.06 13.68 28.94
CA LEU A 298 6.22 14.80 29.36
C LEU A 298 5.75 15.61 28.15
N LYS A 299 6.70 15.97 27.28
CA LYS A 299 6.32 16.66 26.04
C LYS A 299 5.30 15.84 25.26
N SER A 300 5.37 14.51 25.36
CA SER A 300 4.33 13.67 24.77
C SER A 300 3.02 13.83 25.53
N TYR A 301 3.08 13.82 26.86
CA TYR A 301 1.88 14.03 27.66
C TYR A 301 1.25 15.39 27.36
N GLN A 302 2.07 16.37 26.95
CA GLN A 302 1.53 17.67 26.59
C GLN A 302 0.79 17.59 25.26
N TRP A 303 1.32 16.82 24.31
CA TRP A 303 0.62 16.63 23.03
C TRP A 303 -0.76 16.01 23.25
N LYS A 304 -0.82 14.97 24.08
CA LYS A 304 -2.10 14.36 24.41
C LYS A 304 -3.07 15.38 24.99
N MET A 305 -2.57 16.27 25.85
CA MET A 305 -3.42 17.29 26.45
C MET A 305 -3.89 18.30 25.41
N LEU A 306 -3.02 18.66 24.47
CA LEU A 306 -3.39 19.62 23.43
C LEU A 306 -4.37 18.99 22.44
N ASN A 307 -4.02 17.82 21.89
CA ASN A 307 -4.92 17.05 21.03
C ASN A 307 -6.34 16.99 21.59
N THR A 308 -6.45 16.64 22.87
CA THR A 308 -7.76 16.45 23.48
C THR A 308 -8.54 17.76 23.55
N SER A 309 -7.85 18.87 23.83
CA SER A 309 -8.53 20.16 23.85
C SER A 309 -8.98 20.59 22.46
N SER A 310 -8.28 20.13 21.43
CA SER A 310 -8.71 20.43 20.07
C SER A 310 -9.93 19.60 19.69
N LEU A 311 -10.01 18.37 20.18
CA LEU A 311 -11.18 17.55 19.93
C LEU A 311 -12.42 18.10 20.65
N LEU A 312 -12.20 18.85 21.73
CA LEU A 312 -13.32 19.48 22.42
C LEU A 312 -13.86 20.67 21.63
N GLU A 313 -12.97 21.47 21.04
CA GLU A 313 -13.42 22.58 20.19
C GLU A 313 -14.24 22.08 19.02
N GLN A 314 -13.86 20.93 18.46
CA GLN A 314 -14.67 20.31 17.41
C GLN A 314 -16.03 19.89 17.96
N LEU A 315 -16.02 19.21 19.11
CA LEU A 315 -17.27 18.80 19.73
C LEU A 315 -18.13 20.01 20.08
N ASN A 316 -17.50 21.12 20.47
CA ASN A 316 -18.24 22.34 20.74
C ASN A 316 -18.91 22.88 19.48
N GLU A 317 -18.13 23.05 18.41
CA GLU A 317 -18.68 23.58 17.17
C GLU A 317 -19.66 22.60 16.54
N GLN A 318 -19.50 21.30 16.79
CA GLN A 318 -20.45 20.33 16.25
C GLN A 318 -21.80 20.44 16.95
N PHE A 319 -21.79 20.65 18.26
CA PHE A 319 -23.05 20.76 18.97
C PHE A 319 -23.75 22.07 18.66
N ASN A 320 -23.00 23.11 18.30
CA ASN A 320 -23.64 24.35 17.84
C ASN A 320 -24.18 24.23 16.43
N TRP A 321 -23.76 23.20 15.67
CA TRP A 321 -24.29 22.95 14.35
C TRP A 321 -25.56 22.11 14.41
N VAL A 322 -25.60 21.09 15.27
CA VAL A 322 -26.83 20.34 15.44
C VAL A 322 -27.89 21.19 16.10
N SER A 323 -27.49 22.14 16.94
CA SER A 323 -28.44 23.06 17.55
C SER A 323 -29.08 23.95 16.50
N ARG A 324 -28.26 24.53 15.62
CA ARG A 324 -28.79 25.36 14.54
C ARG A 324 -29.69 24.53 13.63
N LEU A 325 -29.26 23.31 13.28
CA LEU A 325 -30.08 22.44 12.43
C LEU A 325 -31.38 22.08 13.12
N ALA A 326 -31.32 21.72 14.40
CA ALA A 326 -32.55 21.38 15.13
C ALA A 326 -33.51 22.56 15.18
N ASN A 327 -32.98 23.77 15.34
CA ASN A 327 -33.82 24.97 15.27
C ASN A 327 -34.44 25.12 13.89
N LEU A 328 -33.62 25.04 12.84
CA LEU A 328 -34.07 25.36 11.49
C LEU A 328 -34.96 24.29 10.87
N THR A 329 -35.07 23.11 11.48
CA THR A 329 -35.90 22.05 10.95
C THR A 329 -37.18 21.86 11.75
N GLN A 330 -37.66 22.92 12.40
CA GLN A 330 -38.93 22.88 13.09
C GLN A 330 -40.06 23.13 12.11
N GLY A 331 -41.09 22.31 12.17
CA GLY A 331 -42.26 22.44 11.32
C GLY A 331 -42.45 21.24 10.42
N GLU A 332 -43.58 21.26 9.70
CA GLU A 332 -43.91 20.24 8.73
C GLU A 332 -43.37 20.57 7.33
N ASP A 333 -42.64 21.67 7.19
CA ASP A 333 -42.06 22.02 5.90
C ASP A 333 -40.83 21.18 5.63
N GLN A 334 -40.75 20.65 4.42
CA GLN A 334 -39.57 19.90 3.97
C GLN A 334 -38.77 20.66 2.93
N TYR A 335 -39.14 21.92 2.67
CA TYR A 335 -38.28 22.82 1.92
C TYR A 335 -37.19 23.35 2.85
N TYR A 336 -35.96 23.24 2.42
CA TYR A 336 -34.84 23.94 3.03
C TYR A 336 -33.90 24.57 2.01
N LEU A 337 -33.77 23.97 0.83
CA LEU A 337 -32.93 24.46 -0.24
C LEU A 337 -33.81 24.82 -1.44
N ARG A 338 -33.56 25.98 -2.02
CA ARG A 338 -34.25 26.44 -3.21
C ARG A 338 -33.23 26.90 -4.22
N VAL A 339 -33.20 26.27 -5.38
CA VAL A 339 -32.23 26.58 -6.43
C VAL A 339 -32.70 27.83 -7.18
N THR A 340 -31.89 28.88 -7.15
CA THR A 340 -32.24 30.13 -7.82
C THR A 340 -31.90 30.08 -9.30
N THR A 341 -30.60 29.99 -9.63
CA THR A 341 -30.14 30.01 -11.01
C THR A 341 -28.97 29.04 -11.19
N VAL A 342 -28.93 28.37 -12.34
CA VAL A 342 -27.87 27.43 -12.68
C VAL A 342 -27.25 27.93 -13.98
N ALA A 343 -26.04 28.50 -13.88
CA ALA A 343 -25.37 29.13 -15.01
C ALA A 343 -24.09 28.38 -15.34
N SER A 344 -23.43 28.81 -16.41
CA SER A 344 -22.20 28.19 -16.88
C SER A 344 -21.40 29.22 -17.68
N HIS A 345 -20.30 28.76 -18.29
CA HIS A 345 -19.59 29.62 -19.21
C HIS A 345 -20.44 29.97 -20.43
N THR A 346 -21.41 29.11 -20.75
CA THR A 346 -22.30 29.36 -21.89
C THR A 346 -23.19 30.57 -21.63
N SER A 347 -23.74 30.67 -20.42
CA SER A 347 -24.74 31.69 -20.11
C SER A 347 -24.10 32.96 -19.53
N ASP A 348 -23.50 32.83 -18.34
CA ASP A 348 -23.00 34.01 -17.63
C ASP A 348 -21.72 34.54 -18.27
N SER A 349 -20.85 33.64 -18.74
CA SER A 349 -19.57 33.94 -19.38
C SER A 349 -18.49 34.34 -18.38
N ASP A 350 -18.86 35.06 -17.31
CA ASP A 350 -17.92 35.32 -16.23
C ASP A 350 -17.59 34.04 -15.46
N VAL A 351 -18.44 33.03 -15.57
CA VAL A 351 -18.20 31.74 -14.90
C VAL A 351 -16.98 31.07 -15.53
N PRO A 352 -16.10 30.47 -14.73
CA PRO A 352 -14.95 29.76 -15.30
C PRO A 352 -15.35 28.65 -16.26
N SER A 353 -14.35 28.13 -16.96
CA SER A 353 -14.61 27.23 -18.09
C SER A 353 -15.18 25.89 -17.65
N GLY A 354 -14.79 25.41 -16.47
CA GLY A 354 -15.17 24.07 -16.08
C GLY A 354 -15.93 23.97 -14.78
N VAL A 355 -16.84 24.92 -14.50
CA VAL A 355 -17.66 24.89 -13.31
C VAL A 355 -19.05 25.41 -13.66
N THR A 356 -20.04 25.00 -12.88
CA THR A 356 -21.41 25.50 -13.00
C THR A 356 -21.80 26.16 -11.68
N GLU A 357 -21.98 27.47 -11.70
CA GLU A 357 -22.30 28.22 -10.49
C GLU A 357 -23.80 28.14 -10.21
N VAL A 358 -24.16 27.54 -9.08
CA VAL A 358 -25.56 27.32 -8.70
C VAL A 358 -25.87 28.22 -7.51
N VAL A 359 -26.82 29.14 -7.70
CA VAL A 359 -27.26 30.02 -6.63
C VAL A 359 -28.41 29.35 -5.90
N VAL A 360 -28.33 29.31 -4.56
CA VAL A 360 -29.35 28.64 -3.74
C VAL A 360 -29.63 29.46 -2.49
N LYS A 361 -30.82 29.29 -1.95
CA LYS A 361 -31.20 29.84 -0.65
C LYS A 361 -31.34 28.71 0.35
N LEU A 362 -30.70 28.86 1.51
CA LEU A 362 -30.71 27.84 2.55
C LEU A 362 -31.40 28.37 3.80
N PHE A 363 -32.40 27.62 4.28
CA PHE A 363 -33.11 27.94 5.51
C PHE A 363 -33.59 29.38 5.54
N ASP A 364 -34.06 29.86 4.39
CA ASP A 364 -34.59 31.22 4.24
C ASP A 364 -33.53 32.25 4.63
N SER A 365 -32.43 32.24 3.88
CA SER A 365 -31.31 33.15 4.14
C SER A 365 -30.76 33.63 2.80
N ASP A 366 -29.62 34.31 2.85
CA ASP A 366 -29.01 34.95 1.69
C ASP A 366 -28.75 33.94 0.57
N PRO A 367 -28.77 34.38 -0.69
CA PRO A 367 -28.48 33.47 -1.80
C PRO A 367 -27.01 33.08 -1.82
N ILE A 368 -26.75 31.78 -1.94
CA ILE A 368 -25.41 31.22 -1.89
C ILE A 368 -25.06 30.70 -3.28
N THR A 369 -23.86 31.03 -3.76
CA THR A 369 -23.39 30.58 -5.05
C THR A 369 -22.37 29.46 -4.86
N VAL A 370 -22.62 28.31 -5.49
CA VAL A 370 -21.82 27.11 -5.32
C VAL A 370 -21.29 26.66 -6.68
N THR A 371 -19.99 26.36 -6.74
CA THR A 371 -19.32 25.98 -7.98
C THR A 371 -19.15 24.47 -8.01
N VAL A 372 -20.01 23.78 -8.75
CA VAL A 372 -19.91 22.34 -8.95
C VAL A 372 -19.41 22.12 -10.37
N PRO A 373 -18.50 21.15 -10.60
CA PRO A 373 -17.90 21.02 -11.94
C PRO A 373 -18.91 20.76 -13.03
N VAL A 374 -18.59 21.26 -14.24
CA VAL A 374 -19.43 21.00 -15.40
C VAL A 374 -19.44 19.52 -15.74
N GLU A 375 -18.37 18.80 -15.37
CA GLU A 375 -18.31 17.36 -15.60
C GLU A 375 -19.52 16.65 -15.01
N VAL A 376 -20.07 17.20 -13.93
CA VAL A 376 -21.25 16.63 -13.29
C VAL A 376 -22.48 17.06 -14.07
N SER A 377 -23.30 16.10 -14.45
CA SER A 377 -24.54 16.42 -15.15
C SER A 377 -25.65 16.72 -14.14
N ARG A 378 -26.61 17.54 -14.57
CA ARG A 378 -27.73 17.87 -13.68
C ARG A 378 -28.60 16.66 -13.40
N LYS A 379 -28.63 15.69 -14.33
CA LYS A 379 -29.38 14.46 -14.10
C LYS A 379 -28.82 13.69 -12.91
N ASN A 380 -27.52 13.81 -12.67
CA ASN A 380 -26.86 13.07 -11.61
C ASN A 380 -27.38 13.51 -10.25
N PRO A 381 -27.88 12.60 -9.43
CA PRO A 381 -28.24 12.97 -8.05
C PRO A 381 -27.08 13.53 -7.27
N LYS A 382 -25.84 13.23 -7.67
CA LYS A 382 -24.66 13.82 -7.04
C LYS A 382 -24.58 15.32 -7.25
N PHE A 383 -25.24 15.84 -8.28
CA PHE A 383 -25.19 17.28 -8.55
C PHE A 383 -25.78 18.07 -7.40
N MET A 384 -26.99 17.73 -6.98
CA MET A 384 -27.61 18.41 -5.84
C MET A 384 -26.96 17.97 -4.53
N GLU A 385 -26.47 16.74 -4.45
CA GLU A 385 -25.73 16.30 -3.28
C GLU A 385 -24.49 17.17 -3.06
N THR A 386 -23.84 17.57 -4.15
CA THR A 386 -22.69 18.46 -4.05
C THR A 386 -23.13 19.88 -3.69
N VAL A 387 -24.18 20.37 -4.37
CA VAL A 387 -24.69 21.71 -4.09
C VAL A 387 -25.07 21.85 -2.63
N ALA A 388 -25.75 20.84 -2.08
CA ALA A 388 -26.21 20.89 -0.70
C ALA A 388 -25.03 20.91 0.26
N GLU A 389 -24.11 19.96 0.10
CA GLU A 389 -22.98 19.86 1.02
C GLU A 389 -22.17 21.15 1.04
N LYS A 390 -21.81 21.65 -0.15
CA LYS A 390 -21.02 22.88 -0.21
C LYS A 390 -21.80 24.06 0.33
N ALA A 391 -23.12 24.09 0.10
CA ALA A 391 -23.92 25.19 0.60
C ALA A 391 -24.03 25.13 2.11
N LEU A 392 -24.19 23.93 2.68
CA LEU A 392 -24.29 23.80 4.12
C LEU A 392 -23.01 24.28 4.81
N GLN A 393 -21.86 24.05 4.18
CA GLN A 393 -20.61 24.54 4.73
C GLN A 393 -20.59 26.06 4.80
N GLU A 394 -21.00 26.72 3.71
CA GLU A 394 -21.00 28.18 3.69
C GLU A 394 -21.94 28.75 4.74
N TYR A 395 -23.10 28.12 4.92
CA TYR A 395 -24.04 28.58 5.93
C TYR A 395 -23.52 28.30 7.34
N ARG A 396 -22.85 27.16 7.51
CA ARG A 396 -22.28 26.82 8.82
C ARG A 396 -21.22 27.82 9.24
N LYS A 397 -20.36 28.22 8.30
CA LYS A 397 -19.29 29.16 8.62
C LYS A 397 -19.82 30.59 8.76
N LYS A 398 -20.74 30.99 7.89
CA LYS A 398 -21.14 32.39 7.80
C LYS A 398 -22.24 32.74 8.80
N HIS A 399 -23.48 32.38 8.47
CA HIS A 399 -24.69 32.76 9.21
C HIS A 399 -24.47 32.77 10.71
N ARG A 400 -24.71 33.93 11.32
CA ARG A 400 -24.36 34.15 12.72
C ARG A 400 -25.44 33.55 13.62
N GLU A 401 -25.07 32.53 14.39
CA GLU A 401 -25.97 31.90 15.33
C GLU A 401 -25.20 31.08 16.37
N GLN B 2 20.91 -68.65 -30.92
CA GLN B 2 20.11 -69.85 -30.82
C GLN B 2 19.56 -70.25 -32.19
N THR B 3 18.74 -69.37 -32.76
CA THR B 3 18.19 -69.58 -34.10
C THR B 3 19.02 -68.94 -35.19
N VAL B 4 19.94 -68.04 -34.84
CA VAL B 4 20.69 -67.26 -35.81
C VAL B 4 22.16 -67.62 -35.72
N SER B 5 22.87 -67.40 -36.83
CA SER B 5 24.29 -67.72 -36.88
C SER B 5 25.11 -66.68 -36.12
N ASP B 6 26.22 -67.14 -35.54
CA ASP B 6 27.12 -66.23 -34.85
C ASP B 6 27.81 -65.28 -35.83
N ASN B 7 28.17 -65.78 -37.02
CA ASN B 7 28.76 -64.92 -38.04
C ASN B 7 27.73 -63.94 -38.59
N GLU B 8 26.45 -64.32 -38.57
CA GLU B 8 25.40 -63.41 -39.02
C GLU B 8 25.22 -62.26 -38.03
N LEU B 9 25.21 -62.58 -36.73
CA LEU B 9 25.01 -61.56 -35.71
C LEU B 9 26.09 -60.49 -35.77
N GLN B 10 27.35 -60.90 -35.91
CA GLN B 10 28.44 -59.94 -35.95
C GLN B 10 28.34 -59.03 -37.15
N GLU B 11 27.85 -59.55 -38.28
CA GLU B 11 27.64 -58.70 -39.44
C GLU B 11 26.42 -57.79 -39.26
N MET B 12 25.33 -58.32 -38.69
CA MET B 12 24.17 -57.49 -38.39
C MET B 12 24.55 -56.35 -37.46
N SER B 13 25.27 -56.65 -36.39
CA SER B 13 25.73 -55.61 -35.47
C SER B 13 26.62 -54.61 -36.20
N ASN B 14 27.51 -55.11 -37.06
CA ASN B 14 28.38 -54.22 -37.83
C ASN B 14 27.55 -53.34 -38.76
N GLN B 15 26.45 -53.88 -39.28
CA GLN B 15 25.55 -53.08 -40.11
C GLN B 15 24.79 -52.05 -39.27
N GLY B 16 24.25 -52.49 -38.14
CA GLY B 16 23.46 -51.60 -37.30
C GLY B 16 24.27 -50.44 -36.73
N SER B 17 25.57 -50.64 -36.55
CA SER B 17 26.42 -49.57 -36.05
C SER B 17 26.62 -48.47 -37.08
N LYS B 18 26.40 -48.77 -38.36
CA LYS B 18 26.51 -47.74 -39.39
C LYS B 18 25.35 -46.76 -39.30
N TYR B 19 24.16 -47.24 -38.93
CA TYR B 19 23.03 -46.35 -38.73
C TYR B 19 23.19 -45.48 -37.50
N VAL B 20 24.15 -45.79 -36.63
CA VAL B 20 24.42 -44.93 -35.48
C VAL B 20 25.26 -43.74 -35.88
N ASN B 21 26.26 -43.95 -36.77
CA ASN B 21 27.00 -42.83 -37.32
C ASN B 21 26.07 -41.86 -38.02
N LYS B 22 24.99 -42.37 -38.63
CA LYS B 22 24.02 -41.49 -39.28
C LYS B 22 23.23 -40.69 -38.25
N GLU B 23 22.92 -41.29 -37.11
CA GLU B 23 22.14 -40.60 -36.09
C GLU B 23 22.87 -39.37 -35.55
N ILE B 24 24.21 -39.38 -35.60
CA ILE B 24 24.97 -38.20 -35.21
C ILE B 24 24.66 -37.02 -36.11
N GLN B 25 24.76 -37.24 -37.43
CA GLN B 25 24.39 -36.18 -38.37
C GLN B 25 22.91 -35.86 -38.29
N ASN B 26 22.07 -36.85 -38.00
CA ASN B 26 20.64 -36.59 -37.85
C ASN B 26 20.37 -35.73 -36.62
N ALA B 27 21.09 -35.97 -35.53
CA ALA B 27 20.91 -35.16 -34.34
C ALA B 27 21.42 -33.75 -34.54
N VAL B 28 22.46 -33.57 -35.35
CA VAL B 28 22.94 -32.23 -35.66
C VAL B 28 21.94 -31.51 -36.55
N ASN B 29 21.33 -32.24 -37.50
CA ASN B 29 20.27 -31.64 -38.31
C ASN B 29 19.07 -31.24 -37.46
N GLY B 30 18.73 -32.06 -36.46
CA GLY B 30 17.59 -31.76 -35.62
C GLY B 30 17.71 -30.44 -34.89
N VAL B 31 18.95 -30.00 -34.63
CA VAL B 31 19.15 -28.68 -34.06
C VAL B 31 18.72 -27.61 -35.06
N LYS B 32 19.11 -27.77 -36.32
CA LYS B 32 18.71 -26.82 -37.35
C LYS B 32 17.23 -26.88 -37.64
N GLN B 33 16.61 -28.05 -37.43
CA GLN B 33 15.16 -28.14 -37.59
C GLN B 33 14.45 -27.36 -36.49
N ILE B 34 15.00 -27.37 -35.27
CA ILE B 34 14.43 -26.58 -34.19
C ILE B 34 14.73 -25.10 -34.40
N LYS B 35 15.94 -24.79 -34.86
CA LYS B 35 16.35 -23.40 -35.11
C LYS B 35 15.35 -22.68 -36.01
N THR B 36 14.94 -23.34 -37.10
CA THR B 36 13.99 -22.72 -38.02
C THR B 36 12.61 -22.61 -37.38
N LEU B 37 12.19 -23.63 -36.64
CA LEU B 37 10.90 -23.56 -35.95
C LEU B 37 10.85 -22.38 -34.99
N ILE B 38 11.95 -22.10 -34.31
CA ILE B 38 12.00 -20.95 -33.42
C ILE B 38 11.91 -19.66 -34.23
N GLU B 39 12.74 -19.52 -35.26
CA GLU B 39 12.68 -18.36 -36.13
C GLU B 39 11.29 -18.21 -36.74
N LYS B 40 10.70 -19.32 -37.19
CA LYS B 40 9.34 -19.29 -37.71
C LYS B 40 8.36 -18.79 -36.66
N THR B 41 8.44 -19.35 -35.46
CA THR B 41 7.57 -18.90 -34.37
C THR B 41 7.86 -17.45 -33.98
N ASN B 42 9.11 -17.01 -34.12
CA ASN B 42 9.42 -15.61 -33.85
C ASN B 42 8.81 -14.70 -34.90
N GLU B 43 8.63 -15.21 -36.12
CA GLU B 43 8.01 -14.40 -37.17
C GLU B 43 6.50 -14.41 -37.04
N GLU B 44 5.91 -15.53 -36.61
CA GLU B 44 4.47 -15.59 -36.38
C GLU B 44 4.04 -14.60 -35.30
N ARG B 45 4.93 -14.30 -34.36
CA ARG B 45 4.64 -13.33 -33.32
C ARG B 45 4.77 -11.90 -33.83
N LYS B 46 5.80 -11.63 -34.65
CA LYS B 46 5.91 -10.33 -35.30
C LYS B 46 4.67 -10.03 -36.13
N THR B 47 4.08 -11.05 -36.75
CA THR B 47 2.80 -10.87 -37.42
C THR B 47 1.70 -10.61 -36.41
N LEU B 48 1.67 -11.37 -35.32
CA LEU B 48 0.63 -11.21 -34.32
C LEU B 48 0.74 -9.88 -33.60
N LEU B 49 1.95 -9.30 -33.57
CA LEU B 49 2.13 -8.02 -32.91
C LEU B 49 1.46 -6.88 -33.67
N SER B 50 1.65 -6.85 -34.99
CA SER B 50 1.03 -5.81 -35.80
C SER B 50 -0.49 -5.90 -35.79
N ASN B 51 -1.03 -7.11 -35.63
CA ASN B 51 -2.47 -7.26 -35.46
C ASN B 51 -2.94 -6.61 -34.16
N LEU B 52 -2.14 -6.76 -33.10
CA LEU B 52 -2.49 -6.14 -31.82
C LEU B 52 -2.32 -4.62 -31.87
N GLU B 53 -1.33 -4.14 -32.63
CA GLU B 53 -1.20 -2.70 -32.85
C GLU B 53 -2.47 -2.12 -33.46
N GLU B 54 -3.04 -2.84 -34.44
CA GLU B 54 -4.25 -2.37 -35.11
C GLU B 54 -5.48 -2.61 -34.24
N ALA B 55 -5.61 -3.79 -33.66
CA ALA B 55 -6.77 -4.08 -32.82
C ALA B 55 -6.86 -3.12 -31.64
N LYS B 56 -5.72 -2.69 -31.11
CA LYS B 56 -5.72 -1.68 -30.06
C LYS B 56 -6.28 -0.37 -30.58
N LYS B 57 -5.89 0.03 -31.79
CA LYS B 57 -6.40 1.25 -32.39
C LYS B 57 -7.91 1.19 -32.56
N LYS B 58 -8.41 0.08 -33.12
CA LYS B 58 -9.85 -0.09 -33.25
C LYS B 58 -10.54 -0.04 -31.90
N LYS B 59 -9.89 -0.58 -30.87
CA LYS B 59 -10.51 -0.63 -29.55
C LYS B 59 -10.59 0.76 -28.92
N GLU B 60 -9.49 1.53 -29.00
CA GLU B 60 -9.49 2.87 -28.41
C GLU B 60 -10.39 3.82 -29.18
N ASP B 61 -10.60 3.57 -30.47
CA ASP B 61 -11.54 4.38 -31.23
C ASP B 61 -12.99 4.05 -30.85
N ALA B 62 -13.25 2.77 -30.57
CA ALA B 62 -14.60 2.37 -30.17
C ALA B 62 -14.94 2.87 -28.77
N LEU B 63 -13.93 3.18 -27.96
CA LEU B 63 -14.19 3.71 -26.62
C LEU B 63 -14.44 5.22 -26.68
N ASN B 64 -13.68 5.94 -27.52
CA ASN B 64 -13.93 7.37 -27.74
C ASN B 64 -15.38 7.60 -28.15
N GLU B 65 -15.87 6.81 -29.12
CA GLU B 65 -17.27 6.92 -29.53
C GLU B 65 -18.20 6.54 -28.39
N THR B 66 -17.81 5.57 -27.56
CA THR B 66 -18.60 5.26 -26.37
C THR B 66 -18.57 6.41 -25.38
N ARG B 67 -17.41 7.04 -25.21
CA ARG B 67 -17.33 8.21 -24.34
C ARG B 67 -18.12 9.37 -24.91
N GLU B 68 -18.18 9.49 -26.24
CA GLU B 68 -18.98 10.54 -26.86
C GLU B 68 -20.47 10.22 -26.76
N SER B 69 -20.83 8.96 -27.00
CA SER B 69 -22.23 8.56 -26.87
C SER B 69 -22.70 8.69 -25.43
N GLU B 70 -21.78 8.59 -24.47
CA GLU B 70 -22.12 8.77 -23.07
C GLU B 70 -22.39 10.25 -22.76
N THR B 71 -21.41 11.11 -23.02
CA THR B 71 -21.55 12.53 -22.71
C THR B 71 -22.72 13.16 -23.44
N LYS B 72 -23.06 12.64 -24.64
CA LYS B 72 -24.22 13.16 -25.35
C LYS B 72 -25.50 12.92 -24.55
N LEU B 73 -25.59 11.78 -23.87
CA LEU B 73 -26.77 11.49 -23.06
C LEU B 73 -26.82 12.38 -21.83
N LYS B 74 -25.66 12.82 -21.34
CA LYS B 74 -25.64 13.66 -20.15
C LYS B 74 -26.14 15.07 -20.45
N GLU B 75 -25.79 15.61 -21.62
CA GLU B 75 -26.14 16.99 -21.99
C GLU B 75 -27.53 16.98 -22.61
N LEU B 76 -28.54 16.87 -21.76
CA LEU B 76 -29.93 16.79 -22.19
C LEU B 76 -30.78 17.65 -21.25
N PRO B 77 -32.15 17.58 -21.29
CA PRO B 77 -32.94 18.28 -20.27
C PRO B 77 -32.43 18.11 -18.84
N GLY B 78 -32.70 16.96 -18.22
CA GLY B 78 -32.18 16.71 -16.89
C GLY B 78 -33.20 16.74 -15.77
N VAL B 79 -34.27 15.95 -15.92
CA VAL B 79 -35.35 15.93 -14.94
C VAL B 79 -35.55 14.50 -14.46
N CYS B 80 -34.70 14.03 -13.55
CA CYS B 80 -34.80 12.67 -13.04
C CYS B 80 -35.86 12.61 -11.93
N ASN B 81 -36.86 11.74 -12.12
CA ASN B 81 -37.97 11.62 -11.20
C ASN B 81 -37.49 11.20 -9.81
N GLU B 82 -38.23 11.64 -8.80
CA GLU B 82 -37.94 11.20 -7.43
C GLU B 82 -38.34 9.76 -7.19
N THR B 83 -39.23 9.22 -8.03
CA THR B 83 -39.59 7.80 -7.93
C THR B 83 -38.39 6.90 -8.14
N MET B 84 -37.35 7.41 -8.81
CA MET B 84 -36.13 6.63 -9.05
C MET B 84 -35.54 6.15 -7.73
N MET B 85 -35.47 7.03 -6.73
CA MET B 85 -34.92 6.66 -5.45
C MET B 85 -35.79 5.66 -4.71
N ALA B 86 -37.08 5.58 -5.03
CA ALA B 86 -37.96 4.65 -4.36
C ALA B 86 -37.72 3.22 -4.84
N LEU B 87 -37.56 3.04 -6.15
CA LEU B 87 -37.24 1.72 -6.68
C LEU B 87 -35.84 1.29 -6.25
N TRP B 88 -34.91 2.24 -6.17
CA TRP B 88 -33.52 1.94 -5.86
C TRP B 88 -33.37 1.25 -4.51
N GLU B 89 -34.24 1.59 -3.56
CA GLU B 89 -34.19 0.96 -2.23
C GLU B 89 -34.90 -0.39 -2.20
N GLU B 90 -35.61 -0.75 -3.26
CA GLU B 90 -36.13 -2.10 -3.43
C GLU B 90 -35.31 -2.91 -4.42
N CYS B 91 -34.43 -2.25 -5.19
CA CYS B 91 -33.52 -2.95 -6.09
C CYS B 91 -32.30 -3.45 -5.36
N LYS B 92 -31.77 -2.65 -4.42
CA LYS B 92 -30.60 -3.06 -3.65
C LYS B 92 -30.83 -4.35 -2.86
N PRO B 93 -31.90 -4.49 -2.07
CA PRO B 93 -32.07 -5.75 -1.33
C PRO B 93 -32.37 -6.93 -2.24
N CYS B 94 -33.05 -6.72 -3.36
CA CYS B 94 -33.28 -7.79 -4.31
C CYS B 94 -31.96 -8.29 -4.89
N LEU B 95 -31.12 -7.36 -5.36
CA LEU B 95 -29.85 -7.73 -5.98
C LEU B 95 -28.93 -8.43 -4.99
N LYS B 96 -28.95 -8.00 -3.73
CA LYS B 96 -28.11 -8.63 -2.72
C LYS B 96 -28.53 -10.09 -2.49
N GLN B 97 -29.83 -10.31 -2.25
CA GLN B 97 -30.33 -11.66 -2.05
C GLN B 97 -30.03 -12.55 -3.24
N THR B 98 -30.14 -11.99 -4.45
CA THR B 98 -29.87 -12.78 -5.66
C THR B 98 -28.42 -13.24 -5.71
N CYS B 99 -27.48 -12.32 -5.49
CA CYS B 99 -26.06 -12.66 -5.56
C CYS B 99 -25.67 -13.65 -4.48
N MET B 100 -26.28 -13.55 -3.29
CA MET B 100 -25.98 -14.49 -2.22
C MET B 100 -26.54 -15.87 -2.53
N LYS B 101 -27.77 -15.92 -3.09
CA LYS B 101 -28.37 -17.21 -3.41
C LYS B 101 -27.61 -17.93 -4.49
N PHE B 102 -27.16 -17.21 -5.53
CA PHE B 102 -26.38 -17.83 -6.59
C PHE B 102 -25.05 -18.36 -6.07
N TYR B 103 -24.37 -17.57 -5.22
CA TYR B 103 -23.09 -18.00 -4.67
C TYR B 103 -23.26 -19.23 -3.79
N ALA B 104 -24.27 -19.21 -2.92
CA ALA B 104 -24.52 -20.35 -2.04
C ALA B 104 -24.95 -21.58 -2.83
N ARG B 105 -25.77 -21.39 -3.86
CA ARG B 105 -26.28 -22.53 -4.63
C ARG B 105 -25.17 -23.16 -5.46
N VAL B 106 -24.63 -22.40 -6.42
CA VAL B 106 -23.70 -22.94 -7.40
C VAL B 106 -22.27 -22.92 -6.90
N CYS B 107 -21.76 -21.73 -6.57
CA CYS B 107 -20.33 -21.56 -6.34
C CYS B 107 -19.91 -21.69 -4.88
N ARG B 108 -18.91 -20.90 -4.48
CA ARG B 108 -18.25 -21.04 -3.20
C ARG B 108 -19.21 -20.69 -2.05
N SER B 109 -18.79 -21.02 -0.83
CA SER B 109 -19.52 -20.66 0.38
C SER B 109 -19.34 -19.18 0.68
N GLY B 110 -19.49 -18.80 1.94
CA GLY B 110 -19.21 -17.42 2.33
C GLY B 110 -20.05 -16.41 1.61
N SER B 111 -21.32 -16.74 1.38
CA SER B 111 -22.21 -15.81 0.68
C SER B 111 -22.48 -14.57 1.51
N GLY B 112 -22.33 -14.64 2.83
CA GLY B 112 -22.57 -13.48 3.65
C GLY B 112 -21.55 -12.37 3.42
N LEU B 113 -20.27 -12.76 3.30
CA LEU B 113 -19.23 -11.77 3.03
C LEU B 113 -19.50 -11.04 1.72
N VAL B 114 -19.94 -11.77 0.69
CA VAL B 114 -20.25 -11.14 -0.59
C VAL B 114 -21.41 -10.17 -0.42
N GLY B 115 -22.46 -10.59 0.29
CA GLY B 115 -23.62 -9.73 0.47
C GLY B 115 -23.28 -8.44 1.21
N ARG B 116 -22.36 -8.53 2.17
CA ARG B 116 -21.95 -7.32 2.91
C ARG B 116 -21.24 -6.35 1.99
N GLN B 117 -20.23 -6.82 1.27
CA GLN B 117 -19.48 -5.96 0.36
C GLN B 117 -20.38 -5.41 -0.74
N LEU B 118 -21.31 -6.23 -1.24
CA LEU B 118 -22.23 -5.79 -2.27
C LEU B 118 -23.17 -4.71 -1.74
N GLU B 119 -23.79 -4.96 -0.58
CA GLU B 119 -24.66 -3.97 0.03
C GLU B 119 -23.86 -2.72 0.41
N GLU B 120 -22.60 -2.89 0.81
CA GLU B 120 -21.74 -1.75 1.10
C GLU B 120 -21.48 -0.93 -0.16
N PHE B 121 -21.37 -1.59 -1.31
CA PHE B 121 -21.20 -0.88 -2.57
C PHE B 121 -22.52 -0.27 -3.03
N LEU B 122 -23.63 -0.98 -2.80
CA LEU B 122 -24.93 -0.51 -3.26
C LEU B 122 -25.43 0.68 -2.46
N ASN B 123 -24.95 0.88 -1.23
CA ASN B 123 -25.28 2.09 -0.50
C ASN B 123 -24.50 3.28 -1.05
N GLN B 124 -23.22 3.06 -1.37
CA GLN B 124 -22.36 4.13 -1.90
C GLN B 124 -22.85 4.64 -3.25
N SER B 125 -23.47 3.77 -4.03
CA SER B 125 -23.79 4.08 -5.43
C SER B 125 -25.19 4.68 -5.56
N SER B 126 -25.44 5.26 -6.72
CA SER B 126 -26.72 5.84 -7.11
C SER B 126 -27.32 5.05 -8.27
N PRO B 127 -28.66 5.02 -8.39
CA PRO B 127 -29.27 4.33 -9.53
C PRO B 127 -28.96 4.98 -10.87
N PHE B 128 -28.52 6.25 -10.86
CA PHE B 128 -28.06 6.90 -12.07
C PHE B 128 -26.87 6.15 -12.68
N TYR B 129 -26.03 5.57 -11.83
CA TYR B 129 -24.88 4.79 -12.31
C TYR B 129 -25.33 3.60 -13.14
N PHE B 130 -26.35 2.88 -12.67
CA PHE B 130 -26.88 1.75 -13.42
C PHE B 130 -27.60 2.21 -14.68
N TRP B 131 -28.35 3.31 -14.57
CA TRP B 131 -29.10 3.83 -15.73
C TRP B 131 -28.15 4.28 -16.83
N MET B 132 -27.03 4.90 -16.47
CA MET B 132 -26.02 5.33 -17.42
C MET B 132 -25.10 4.19 -17.86
N ASN B 133 -25.38 2.96 -17.42
CA ASN B 133 -24.54 1.80 -17.71
C ASN B 133 -23.08 2.07 -17.35
N GLY B 134 -22.88 2.66 -16.15
CA GLY B 134 -21.53 2.93 -15.69
C GLY B 134 -20.77 1.67 -15.32
N ASP B 135 -21.49 0.63 -14.89
CA ASP B 135 -20.84 -0.63 -14.54
C ASP B 135 -20.10 -1.21 -15.74
N ARG B 136 -20.75 -1.19 -16.91
CA ARG B 136 -20.09 -1.67 -18.12
C ARG B 136 -19.00 -0.70 -18.58
N ILE B 137 -19.26 0.60 -18.49
CA ILE B 137 -18.27 1.60 -18.90
C ILE B 137 -17.00 1.45 -18.08
N ASP B 138 -17.16 1.33 -16.75
CA ASP B 138 -16.00 1.16 -15.89
C ASP B 138 -15.35 -0.20 -16.09
N SER B 139 -16.15 -1.21 -16.43
CA SER B 139 -15.60 -2.55 -16.67
C SER B 139 -14.63 -2.53 -17.85
N LEU B 140 -15.01 -1.87 -18.94
CA LEU B 140 -14.17 -1.83 -20.13
C LEU B 140 -12.84 -1.14 -19.83
N LEU B 141 -12.89 0.04 -19.20
CA LEU B 141 -11.68 0.79 -18.92
C LEU B 141 -10.68 -0.04 -18.12
N GLU B 142 -11.17 -0.80 -17.15
CA GLU B 142 -10.28 -1.68 -16.38
C GLU B 142 -9.62 -2.71 -17.27
N ASN B 143 -10.42 -3.41 -18.09
CA ASN B 143 -9.86 -4.41 -18.99
C ASN B 143 -8.88 -3.81 -19.97
N ASP B 144 -9.10 -2.55 -20.37
CA ASP B 144 -8.18 -1.90 -21.31
C ASP B 144 -6.79 -1.75 -20.68
N ARG B 145 -6.74 -1.34 -19.41
CA ARG B 145 -5.46 -1.17 -18.73
C ARG B 145 -4.74 -2.51 -18.59
N GLN B 146 -5.45 -3.55 -18.14
CA GLN B 146 -4.85 -4.87 -18.01
C GLN B 146 -4.27 -5.33 -19.34
N GLN B 147 -5.03 -5.16 -20.42
CA GLN B 147 -4.58 -5.61 -21.73
C GLN B 147 -3.39 -4.80 -22.21
N THR B 148 -3.35 -3.51 -21.89
CA THR B 148 -2.16 -2.72 -22.17
C THR B 148 -0.99 -3.19 -21.31
N HIS B 149 -1.27 -3.59 -20.08
CA HIS B 149 -0.21 -4.01 -19.16
C HIS B 149 0.32 -5.39 -19.53
N MET B 150 -0.59 -6.36 -19.71
CA MET B 150 -0.17 -7.72 -20.06
C MET B 150 0.66 -7.74 -21.34
N LEU B 151 0.41 -6.81 -22.25
CA LEU B 151 1.19 -6.76 -23.48
C LEU B 151 2.56 -6.17 -23.22
N ASP B 152 2.63 -5.07 -22.46
CA ASP B 152 3.92 -4.49 -22.09
C ASP B 152 4.79 -5.51 -21.37
N VAL B 153 4.17 -6.36 -20.56
CA VAL B 153 4.92 -7.41 -19.86
C VAL B 153 5.53 -8.37 -20.86
N MET B 154 4.69 -9.01 -21.68
CA MET B 154 5.17 -10.00 -22.62
C MET B 154 6.15 -9.41 -23.62
N GLN B 155 5.88 -8.19 -24.08
CA GLN B 155 6.75 -7.58 -25.07
C GLN B 155 8.14 -7.33 -24.51
N ASP B 156 8.22 -7.00 -23.23
CA ASP B 156 9.53 -6.79 -22.61
C ASP B 156 10.28 -8.11 -22.42
N HIS B 157 9.55 -9.19 -22.16
CA HIS B 157 10.21 -10.48 -21.97
C HIS B 157 10.65 -11.06 -23.31
N PHE B 158 9.78 -10.99 -24.31
CA PHE B 158 10.04 -11.67 -25.58
C PHE B 158 11.14 -10.95 -26.36
N SER B 159 11.06 -9.63 -26.49
CA SER B 159 12.04 -8.90 -27.28
C SER B 159 13.43 -9.02 -26.68
N ARG B 160 13.52 -9.27 -25.37
CA ARG B 160 14.82 -9.52 -24.74
C ARG B 160 15.31 -10.92 -25.12
N ALA B 161 14.45 -11.92 -24.99
CA ALA B 161 14.82 -13.27 -25.39
C ALA B 161 15.07 -13.34 -26.89
N SER B 162 14.30 -12.57 -27.67
CA SER B 162 14.47 -12.58 -29.13
C SER B 162 15.86 -12.11 -29.52
N SER B 163 16.42 -11.17 -28.76
CA SER B 163 17.76 -10.69 -29.06
C SER B 163 18.83 -11.69 -28.62
N ILE B 164 18.58 -12.40 -27.51
CA ILE B 164 19.50 -13.45 -27.10
C ILE B 164 19.60 -14.54 -28.16
N ILE B 165 18.45 -14.91 -28.73
CA ILE B 165 18.43 -15.94 -29.77
C ILE B 165 19.10 -15.44 -31.04
N ASP B 166 18.94 -14.16 -31.37
CA ASP B 166 19.57 -13.60 -32.56
C ASP B 166 21.07 -13.44 -32.43
N GLU B 167 21.64 -13.70 -31.25
CA GLU B 167 23.09 -13.81 -31.08
C GLU B 167 23.57 -15.25 -31.12
N LEU B 168 22.71 -16.20 -30.76
CA LEU B 168 23.08 -17.61 -30.83
C LEU B 168 23.04 -18.12 -32.26
N PHE B 169 21.97 -17.79 -32.99
CA PHE B 169 21.76 -18.32 -34.35
C PHE B 169 22.69 -17.72 -35.39
N GLN B 170 23.57 -16.78 -35.02
CA GLN B 170 24.55 -16.30 -35.96
C GLN B 170 25.67 -17.32 -36.19
N ASP B 171 25.83 -18.25 -35.25
CA ASP B 171 26.85 -19.28 -35.39
C ASP B 171 26.45 -20.27 -36.49
N ARG B 172 27.47 -20.78 -37.20
CA ARG B 172 27.28 -21.72 -38.30
C ARG B 172 26.39 -21.13 -39.40
N PRO B 190 33.78 -34.36 -33.55
CA PRO B 190 32.97 -33.14 -33.45
C PRO B 190 33.82 -31.88 -33.45
N HIS B 191 35.14 -32.07 -33.60
CA HIS B 191 36.10 -30.96 -33.52
C HIS B 191 36.07 -30.30 -32.15
N ASN B 192 35.93 -31.13 -31.11
CA ASN B 192 35.83 -30.72 -29.72
C ASN B 192 34.55 -29.92 -29.48
N PHE B 193 33.48 -30.61 -29.10
CA PHE B 193 32.18 -29.96 -28.94
C PHE B 193 32.01 -29.31 -27.57
N HIS B 194 32.70 -29.81 -26.55
CA HIS B 194 32.58 -29.24 -25.21
C HIS B 194 32.96 -27.77 -25.19
N ALA B 195 33.67 -27.29 -26.21
CA ALA B 195 33.98 -25.86 -26.31
C ALA B 195 32.80 -25.06 -26.83
N MET B 196 31.95 -25.66 -27.68
CA MET B 196 30.73 -25.01 -28.12
C MET B 196 29.61 -25.24 -27.12
N PHE B 197 29.61 -26.40 -26.46
CA PHE B 197 28.67 -26.83 -25.45
C PHE B 197 28.28 -25.73 -24.48
N GLN B 198 29.24 -25.25 -23.69
CA GLN B 198 28.90 -24.30 -22.62
C GLN B 198 28.44 -22.95 -23.16
N PRO B 199 29.09 -22.32 -24.14
CA PRO B 199 28.59 -21.03 -24.64
C PRO B 199 27.16 -21.08 -25.16
N PHE B 200 26.78 -22.15 -25.86
CA PHE B 200 25.43 -22.22 -26.41
C PHE B 200 24.40 -22.52 -25.32
N LEU B 201 24.72 -23.44 -24.42
CA LEU B 201 23.74 -23.87 -23.42
C LEU B 201 23.35 -22.74 -22.48
N GLU B 202 24.31 -21.88 -22.12
CA GLU B 202 24.00 -20.79 -21.21
C GLU B 202 23.14 -19.74 -21.88
N MET B 203 23.35 -19.49 -23.18
CA MET B 203 22.49 -18.59 -23.92
C MET B 203 21.05 -19.09 -23.91
N ILE B 204 20.87 -20.41 -24.01
CA ILE B 204 19.53 -20.99 -23.96
C ILE B 204 18.89 -20.77 -22.58
N HIS B 205 19.68 -20.89 -21.52
CA HIS B 205 19.16 -20.66 -20.18
C HIS B 205 18.79 -19.20 -19.98
N GLU B 206 19.63 -18.29 -20.49
CA GLU B 206 19.35 -16.86 -20.34
C GLU B 206 18.06 -16.47 -21.06
N ALA B 207 17.80 -17.10 -22.21
CA ALA B 207 16.55 -16.82 -22.93
C ALA B 207 15.35 -17.43 -22.19
N GLN B 208 15.51 -18.64 -21.64
CA GLN B 208 14.41 -19.29 -20.95
C GLN B 208 13.97 -18.50 -19.73
N GLN B 209 14.93 -17.94 -18.98
CA GLN B 209 14.59 -17.14 -17.81
C GLN B 209 13.71 -15.96 -18.18
N ALA B 210 13.97 -15.34 -19.33
CA ALA B 210 13.21 -14.17 -19.73
C ALA B 210 11.73 -14.48 -19.93
N MET B 211 11.42 -15.69 -20.38
CA MET B 211 10.05 -16.08 -20.70
C MET B 211 9.20 -16.33 -19.47
N ASP B 212 9.77 -16.27 -18.26
CA ASP B 212 8.99 -16.54 -17.06
C ASP B 212 7.85 -15.55 -16.87
N ASP B 233 -16.86 -20.75 -17.98
CA ASP B 233 -17.29 -19.41 -17.62
C ASP B 233 -17.70 -19.34 -16.16
N ASP B 234 -18.54 -20.29 -15.73
CA ASP B 234 -18.99 -20.34 -14.36
C ASP B 234 -17.81 -20.31 -13.39
N ARG B 235 -16.68 -20.91 -13.78
CA ARG B 235 -15.47 -20.77 -12.99
C ARG B 235 -14.93 -19.35 -13.06
N THR B 236 -14.95 -18.75 -14.25
CA THR B 236 -14.44 -17.38 -14.41
C THR B 236 -15.32 -16.37 -13.68
N VAL B 237 -16.64 -16.52 -13.78
CA VAL B 237 -17.55 -15.55 -13.18
C VAL B 237 -17.37 -15.53 -11.67
N CYS B 238 -17.31 -16.71 -11.05
CA CYS B 238 -17.16 -16.77 -9.60
C CYS B 238 -15.74 -16.53 -9.14
N ARG B 239 -14.79 -16.40 -10.07
CA ARG B 239 -13.50 -15.80 -9.71
C ARG B 239 -13.62 -14.28 -9.64
N GLU B 240 -14.43 -13.71 -10.54
CA GLU B 240 -14.66 -12.27 -10.52
C GLU B 240 -15.51 -11.86 -9.31
N ILE B 241 -16.39 -12.73 -8.84
CA ILE B 241 -17.14 -12.45 -7.63
C ILE B 241 -16.21 -12.45 -6.42
N ARG B 242 -15.15 -13.27 -6.47
CA ARG B 242 -14.17 -13.26 -5.39
C ARG B 242 -13.28 -12.03 -5.45
N HIS B 243 -12.94 -11.56 -6.66
CA HIS B 243 -12.12 -10.37 -6.80
C HIS B 243 -12.79 -9.14 -6.21
N ASN B 244 -14.09 -8.98 -6.47
CA ASN B 244 -14.86 -7.80 -6.06
C ASN B 244 -16.34 -8.09 -6.20
N SER B 245 -17.14 -7.76 -5.17
CA SER B 245 -18.56 -8.06 -5.20
C SER B 245 -19.28 -7.38 -6.36
N THR B 246 -18.67 -6.36 -6.95
CA THR B 246 -19.23 -5.67 -8.11
C THR B 246 -19.45 -6.63 -9.28
N GLY B 247 -18.97 -7.86 -9.17
CA GLY B 247 -19.14 -8.81 -10.26
C GLY B 247 -20.58 -9.19 -10.52
N CYS B 248 -21.34 -9.42 -9.45
CA CYS B 248 -22.72 -9.84 -9.63
C CYS B 248 -23.68 -8.67 -9.86
N LEU B 249 -23.15 -7.51 -10.26
CA LEU B 249 -24.02 -6.49 -10.83
C LEU B 249 -24.55 -6.91 -12.20
N ARG B 250 -24.03 -7.99 -12.77
CA ARG B 250 -24.58 -8.53 -14.00
C ARG B 250 -25.88 -9.28 -13.76
N MET B 251 -26.13 -9.69 -12.52
CA MET B 251 -27.40 -10.33 -12.16
C MET B 251 -28.50 -9.33 -11.86
N LYS B 252 -28.30 -8.06 -12.24
CA LYS B 252 -29.37 -7.07 -12.11
C LYS B 252 -30.55 -7.44 -12.99
N ASP B 253 -30.30 -8.18 -14.07
CA ASP B 253 -31.38 -8.57 -14.98
C ASP B 253 -32.41 -9.43 -14.27
N GLN B 254 -32.00 -10.18 -13.24
CA GLN B 254 -32.94 -11.02 -12.51
C GLN B 254 -33.98 -10.19 -11.77
N CYS B 255 -33.56 -9.07 -11.19
CA CYS B 255 -34.47 -8.25 -10.38
C CYS B 255 -35.38 -7.42 -11.27
N ASP B 256 -36.63 -7.27 -10.85
CA ASP B 256 -37.58 -6.44 -11.58
C ASP B 256 -37.34 -4.97 -11.30
N LYS B 257 -37.17 -4.60 -10.03
CA LYS B 257 -37.01 -3.20 -9.65
C LYS B 257 -35.78 -2.59 -10.32
N CYS B 258 -34.69 -3.36 -10.41
CA CYS B 258 -33.50 -2.85 -11.07
C CYS B 258 -33.71 -2.73 -12.58
N ARG B 259 -34.52 -3.63 -13.15
CA ARG B 259 -34.83 -3.53 -14.58
C ARG B 259 -35.69 -2.29 -14.86
N GLU B 260 -36.55 -1.91 -13.92
CA GLU B 260 -37.38 -0.72 -14.11
C GLU B 260 -36.55 0.54 -14.07
N ILE B 261 -35.49 0.56 -13.25
CA ILE B 261 -34.68 1.77 -13.09
C ILE B 261 -34.10 2.21 -14.44
N LEU B 262 -33.79 1.25 -15.30
CA LEU B 262 -33.18 1.57 -16.59
C LEU B 262 -34.15 2.33 -17.50
N SER B 263 -35.45 2.13 -17.32
CA SER B 263 -36.44 2.80 -18.16
C SER B 263 -37.16 3.89 -17.38
N VAL B 264 -36.42 4.87 -16.88
CA VAL B 264 -36.98 5.98 -16.11
C VAL B 264 -36.73 7.27 -16.85
N ASP B 265 -37.70 8.18 -16.78
CA ASP B 265 -37.62 9.46 -17.47
C ASP B 265 -36.64 10.38 -16.74
N CYS B 266 -35.49 10.65 -17.37
CA CYS B 266 -34.52 11.60 -16.84
C CYS B 266 -34.32 12.80 -17.77
N SER B 267 -35.23 13.00 -18.72
CA SER B 267 -35.19 14.14 -19.61
C SER B 267 -36.55 14.29 -20.28
N THR B 268 -37.13 15.49 -20.18
CA THR B 268 -38.45 15.72 -20.75
C THR B 268 -38.49 15.33 -22.22
N ASN B 269 -37.43 15.61 -22.96
CA ASN B 269 -37.31 15.21 -24.36
C ASN B 269 -37.17 13.70 -24.44
N ASN B 270 -38.32 13.02 -24.44
CA ASN B 270 -38.33 11.55 -24.43
C ASN B 270 -37.74 10.89 -25.68
N PRO B 271 -38.02 11.37 -26.90
CA PRO B 271 -37.50 10.63 -28.08
C PRO B 271 -35.99 10.57 -28.15
N SER B 272 -35.29 11.71 -28.01
CA SER B 272 -33.84 11.71 -28.12
C SER B 272 -33.20 10.88 -27.01
N GLN B 273 -33.86 10.77 -25.86
CA GLN B 273 -33.33 9.97 -24.75
C GLN B 273 -33.20 8.51 -25.17
N ALA B 274 -34.31 7.89 -25.53
CA ALA B 274 -34.28 6.48 -25.91
C ALA B 274 -33.41 6.26 -27.15
N LYS B 275 -33.23 7.31 -27.96
CA LYS B 275 -32.33 7.21 -29.10
C LYS B 275 -30.87 7.21 -28.65
N LEU B 276 -30.51 8.15 -27.77
CA LEU B 276 -29.15 8.20 -27.27
C LEU B 276 -28.83 7.04 -26.34
N ARG B 277 -29.83 6.53 -25.61
CA ARG B 277 -29.61 5.37 -24.76
C ARG B 277 -29.31 4.14 -25.59
N ARG B 278 -30.06 3.93 -26.67
CA ARG B 278 -29.75 2.81 -27.56
C ARG B 278 -28.40 3.02 -28.23
N GLU B 279 -28.10 4.25 -28.65
CA GLU B 279 -26.82 4.53 -29.30
C GLU B 279 -25.65 4.23 -28.36
N LEU B 280 -25.83 4.49 -27.06
CA LEU B 280 -24.81 4.14 -26.09
C LEU B 280 -24.69 2.63 -25.94
N ASP B 281 -25.81 1.96 -25.70
CA ASP B 281 -25.87 0.51 -25.62
C ASP B 281 -25.11 -0.14 -26.78
N GLU B 282 -25.30 0.39 -27.99
CA GLU B 282 -24.63 -0.18 -29.15
C GLU B 282 -23.13 0.09 -29.12
N SER B 283 -22.73 1.35 -28.87
CA SER B 283 -21.31 1.67 -28.83
C SER B 283 -20.58 0.90 -27.73
N LEU B 284 -21.30 0.43 -26.71
CA LEU B 284 -20.71 -0.45 -25.72
C LEU B 284 -20.45 -1.84 -26.30
N GLN B 285 -21.48 -2.44 -26.89
CA GLN B 285 -21.35 -3.73 -27.57
C GLN B 285 -20.12 -3.79 -28.46
N VAL B 286 -19.89 -2.73 -29.24
CA VAL B 286 -18.71 -2.66 -30.11
C VAL B 286 -17.44 -2.69 -29.27
N ALA B 287 -17.37 -1.81 -28.26
CA ALA B 287 -16.18 -1.75 -27.42
C ALA B 287 -16.00 -3.04 -26.62
N GLU B 288 -17.11 -3.72 -26.28
CA GLU B 288 -17.01 -4.98 -25.55
C GLU B 288 -16.48 -6.09 -26.45
N ARG B 289 -17.00 -6.17 -27.67
CA ARG B 289 -16.54 -7.20 -28.60
C ARG B 289 -15.08 -7.00 -28.97
N LEU B 290 -14.68 -5.75 -29.24
CA LEU B 290 -13.29 -5.50 -29.60
C LEU B 290 -12.37 -5.80 -28.43
N THR B 291 -12.88 -5.75 -27.21
CA THR B 291 -12.07 -6.14 -26.07
C THR B 291 -11.89 -7.65 -25.99
N ARG B 292 -12.94 -8.41 -26.31
CA ARG B 292 -12.83 -9.86 -26.38
C ARG B 292 -11.82 -10.26 -27.46
N LYS B 293 -12.00 -9.74 -28.68
CA LYS B 293 -11.11 -10.08 -29.78
C LYS B 293 -9.66 -9.72 -29.46
N TYR B 294 -9.45 -8.71 -28.62
CA TYR B 294 -8.09 -8.39 -28.19
C TYR B 294 -7.56 -9.44 -27.22
N ASN B 295 -8.43 -9.93 -26.33
CA ASN B 295 -8.03 -10.98 -25.39
C ASN B 295 -7.60 -12.24 -26.13
N GLU B 296 -8.35 -12.64 -27.16
CA GLU B 296 -7.99 -13.83 -27.91
C GLU B 296 -6.67 -13.65 -28.64
N LEU B 297 -6.34 -12.41 -29.03
CA LEU B 297 -5.03 -12.14 -29.60
C LEU B 297 -3.93 -12.14 -28.53
N LEU B 298 -4.27 -11.72 -27.30
CA LEU B 298 -3.31 -11.81 -26.20
C LEU B 298 -3.08 -13.26 -25.82
N LYS B 299 -4.16 -14.01 -25.60
CA LYS B 299 -4.05 -15.45 -25.35
C LYS B 299 -3.16 -16.10 -26.40
N SER B 300 -3.37 -15.75 -27.67
CA SER B 300 -2.50 -16.24 -28.73
C SER B 300 -1.06 -15.83 -28.51
N TYR B 301 -0.83 -14.55 -28.17
CA TYR B 301 0.53 -14.08 -27.92
C TYR B 301 1.16 -14.83 -26.75
N GLN B 302 0.35 -15.32 -25.83
CA GLN B 302 0.87 -16.13 -24.74
C GLN B 302 1.25 -17.53 -25.21
N TRP B 303 0.46 -18.10 -26.12
CA TRP B 303 0.84 -19.39 -26.71
C TRP B 303 2.17 -19.27 -27.44
N LYS B 304 2.37 -18.18 -28.18
CA LYS B 304 3.64 -17.97 -28.87
C LYS B 304 4.80 -17.93 -27.88
N MET B 305 4.59 -17.28 -26.73
CA MET B 305 5.65 -17.21 -25.72
C MET B 305 5.90 -18.58 -25.11
N LEU B 306 4.86 -19.36 -24.87
CA LEU B 306 5.02 -20.69 -24.31
C LEU B 306 5.66 -21.64 -25.32
N ASN B 307 5.09 -21.72 -26.53
CA ASN B 307 5.70 -22.43 -27.65
C ASN B 307 7.21 -22.24 -27.71
N THR B 308 7.64 -20.98 -27.80
CA THR B 308 9.05 -20.68 -27.99
C THR B 308 9.90 -21.21 -26.84
N SER B 309 9.39 -21.12 -25.61
CA SER B 309 10.13 -21.65 -24.47
C SER B 309 10.19 -23.17 -24.50
N SER B 310 9.20 -23.83 -25.12
CA SER B 310 9.26 -25.28 -25.25
C SER B 310 10.23 -25.71 -26.34
N LEU B 311 10.34 -24.90 -27.40
CA LEU B 311 11.33 -25.19 -28.43
C LEU B 311 12.76 -25.01 -27.91
N LEU B 312 12.94 -24.16 -26.90
CA LEU B 312 14.25 -24.01 -26.27
C LEU B 312 14.61 -25.23 -25.45
N GLU B 313 13.65 -25.76 -24.68
CA GLU B 313 13.89 -26.98 -23.92
C GLU B 313 14.25 -28.14 -24.84
N GLN B 314 13.67 -28.16 -26.05
CA GLN B 314 14.07 -29.17 -27.03
C GLN B 314 15.48 -28.91 -27.52
N LEU B 315 15.79 -27.65 -27.86
CA LEU B 315 17.14 -27.30 -28.28
C LEU B 315 18.16 -27.60 -27.18
N ASN B 316 17.76 -27.46 -25.92
CA ASN B 316 18.63 -27.81 -24.80
C ASN B 316 18.86 -29.31 -24.76
N GLU B 317 17.79 -30.10 -24.83
CA GLU B 317 17.91 -31.55 -24.76
C GLU B 317 18.57 -32.12 -26.01
N GLN B 318 18.48 -31.41 -27.14
CA GLN B 318 19.18 -31.85 -28.34
C GLN B 318 20.68 -31.66 -28.20
N PHE B 319 21.12 -30.53 -27.65
CA PHE B 319 22.54 -30.29 -27.47
C PHE B 319 23.14 -31.24 -26.44
N ASN B 320 22.32 -31.73 -25.50
CA ASN B 320 22.78 -32.76 -24.58
C ASN B 320 22.79 -34.14 -25.22
N TRP B 321 22.10 -34.31 -26.35
CA TRP B 321 22.14 -35.58 -27.07
C TRP B 321 23.36 -35.64 -27.99
N VAL B 322 23.67 -34.53 -28.66
CA VAL B 322 24.88 -34.51 -29.47
C VAL B 322 26.12 -34.51 -28.59
N SER B 323 26.02 -33.99 -27.36
CA SER B 323 27.15 -34.04 -26.44
C SER B 323 27.42 -35.47 -25.99
N ARG B 324 26.36 -36.19 -25.61
CA ARG B 324 26.51 -37.60 -25.26
C ARG B 324 27.04 -38.40 -26.45
N LEU B 325 26.52 -38.14 -27.64
CA LEU B 325 27.00 -38.85 -28.83
C LEU B 325 28.47 -38.52 -29.13
N ALA B 326 28.83 -37.23 -29.02
CA ALA B 326 30.21 -36.84 -29.28
C ALA B 326 31.17 -37.51 -28.31
N ASN B 327 30.75 -37.69 -27.07
CA ASN B 327 31.57 -38.40 -26.09
C ASN B 327 31.67 -39.88 -26.41
N LEU B 328 30.54 -40.52 -26.74
CA LEU B 328 30.50 -41.96 -26.95
C LEU B 328 31.12 -42.39 -28.27
N THR B 329 31.47 -41.45 -29.16
CA THR B 329 32.10 -41.78 -30.43
C THR B 329 33.55 -41.31 -30.48
N GLN B 330 34.20 -41.21 -29.31
CA GLN B 330 35.59 -40.83 -29.27
C GLN B 330 36.49 -41.95 -29.77
N GLY B 331 36.02 -43.19 -29.68
CA GLY B 331 36.79 -44.32 -30.14
C GLY B 331 36.06 -45.14 -31.18
N GLU B 332 36.69 -45.32 -32.34
CA GLU B 332 36.20 -46.23 -33.35
C GLU B 332 36.71 -47.65 -33.15
N ASP B 333 37.09 -48.00 -31.92
CA ASP B 333 37.74 -49.28 -31.68
C ASP B 333 36.76 -50.43 -31.70
N GLN B 334 35.51 -50.19 -31.30
CA GLN B 334 34.51 -51.23 -31.20
C GLN B 334 33.25 -50.81 -31.95
N TYR B 335 32.35 -51.78 -32.11
CA TYR B 335 31.04 -51.53 -32.70
C TYR B 335 30.11 -50.93 -31.66
N TYR B 336 29.40 -49.87 -32.03
CA TYR B 336 28.53 -49.20 -31.07
C TYR B 336 27.33 -50.06 -30.72
N LEU B 337 26.80 -50.80 -31.68
CA LEU B 337 25.64 -51.67 -31.46
C LEU B 337 26.07 -53.12 -31.59
N ARG B 338 25.58 -53.97 -30.69
CA ARG B 338 25.91 -55.39 -30.67
C ARG B 338 24.64 -56.19 -30.48
N VAL B 339 24.29 -57.00 -31.48
CA VAL B 339 23.05 -57.76 -31.46
C VAL B 339 23.24 -58.99 -30.59
N THR B 340 22.45 -59.09 -29.52
CA THR B 340 22.57 -60.21 -28.60
C THR B 340 21.80 -61.43 -29.10
N THR B 341 20.48 -61.33 -29.15
CA THR B 341 19.63 -62.45 -29.52
C THR B 341 18.47 -61.96 -30.37
N VAL B 342 18.04 -62.78 -31.34
CA VAL B 342 16.96 -62.47 -32.25
C VAL B 342 15.94 -63.59 -32.13
N ALA B 343 14.82 -63.34 -31.47
CA ALA B 343 13.83 -64.35 -31.16
C ALA B 343 12.48 -63.99 -31.77
N SER B 344 11.52 -64.92 -31.64
CA SER B 344 10.21 -64.76 -32.24
C SER B 344 9.20 -65.53 -31.41
N HIS B 345 7.96 -65.61 -31.91
CA HIS B 345 6.96 -66.47 -31.29
C HIS B 345 7.36 -67.94 -31.42
N THR B 346 8.17 -68.26 -32.42
CA THR B 346 8.61 -69.64 -32.62
C THR B 346 9.53 -70.09 -31.48
N SER B 347 10.45 -69.22 -31.07
CA SER B 347 11.49 -69.60 -30.10
C SER B 347 11.07 -69.24 -28.67
N ASP B 348 10.92 -67.95 -28.39
CA ASP B 348 10.68 -67.50 -27.02
C ASP B 348 9.25 -67.83 -26.56
N SER B 349 8.29 -67.68 -27.46
CA SER B 349 6.86 -67.93 -27.24
C SER B 349 6.19 -66.80 -26.45
N ASP B 350 6.90 -66.21 -25.49
CA ASP B 350 6.39 -65.01 -24.84
C ASP B 350 6.32 -63.83 -25.80
N VAL B 351 7.07 -63.90 -26.89
CA VAL B 351 7.07 -62.83 -27.90
C VAL B 351 5.72 -62.79 -28.59
N PRO B 352 5.16 -61.60 -28.83
CA PRO B 352 3.88 -61.51 -29.55
C PRO B 352 3.92 -62.15 -30.92
N SER B 353 2.73 -62.27 -31.52
CA SER B 353 2.58 -63.13 -32.69
C SER B 353 3.29 -62.55 -33.92
N GLY B 354 3.30 -61.22 -34.05
CA GLY B 354 3.83 -60.61 -35.25
C GLY B 354 4.95 -59.62 -35.04
N VAL B 355 5.88 -59.93 -34.13
CA VAL B 355 7.05 -59.09 -33.90
C VAL B 355 8.27 -59.98 -33.65
N THR B 356 9.44 -59.41 -33.87
CA THR B 356 10.71 -60.09 -33.65
C THR B 356 11.51 -59.27 -32.64
N GLU B 357 11.65 -59.79 -31.42
CA GLU B 357 12.30 -59.05 -30.35
C GLU B 357 13.82 -59.22 -30.44
N VAL B 358 14.52 -58.12 -30.66
CA VAL B 358 15.96 -58.12 -30.87
C VAL B 358 16.62 -57.43 -29.67
N VAL B 359 17.48 -58.16 -28.97
CA VAL B 359 18.22 -57.63 -27.83
C VAL B 359 19.55 -57.08 -28.32
N VAL B 360 19.86 -55.84 -27.94
CA VAL B 360 21.08 -55.17 -28.39
C VAL B 360 21.72 -54.41 -27.23
N LYS B 361 23.04 -54.23 -27.32
CA LYS B 361 23.79 -53.40 -26.39
C LYS B 361 24.28 -52.15 -27.13
N LEU B 362 24.06 -50.98 -26.54
CA LEU B 362 24.35 -49.71 -27.18
C LEU B 362 25.34 -48.92 -26.34
N PHE B 363 26.48 -48.57 -26.94
CA PHE B 363 27.52 -47.76 -26.30
C PHE B 363 27.93 -48.35 -24.96
N ASP B 364 28.04 -49.68 -24.89
CA ASP B 364 28.46 -50.39 -23.68
C ASP B 364 27.53 -50.07 -22.52
N SER B 365 26.26 -50.45 -22.69
CA SER B 365 25.23 -50.19 -21.69
C SER B 365 24.31 -51.40 -21.63
N ASP B 366 23.23 -51.28 -20.86
CA ASP B 366 22.28 -52.36 -20.62
C ASP B 366 21.71 -52.94 -21.90
N PRO B 367 21.35 -54.22 -21.92
CA PRO B 367 20.76 -54.82 -23.14
C PRO B 367 19.37 -54.28 -23.38
N ILE B 368 19.11 -53.87 -24.63
CA ILE B 368 17.86 -53.25 -25.03
C ILE B 368 17.10 -54.20 -25.94
N THR B 369 15.81 -54.38 -25.67
CA THR B 369 14.96 -55.27 -26.46
C THR B 369 14.06 -54.43 -27.36
N VAL B 370 14.11 -54.68 -28.66
CA VAL B 370 13.42 -53.89 -29.66
C VAL B 370 12.50 -54.82 -30.46
N THR B 371 11.26 -54.39 -30.67
CA THR B 371 10.25 -55.19 -31.37
C THR B 371 10.10 -54.67 -32.80
N VAL B 372 10.68 -55.40 -33.75
CA VAL B 372 10.55 -55.09 -35.16
C VAL B 372 9.64 -56.14 -35.78
N PRO B 373 8.73 -55.77 -36.69
CA PRO B 373 7.76 -56.75 -37.20
C PRO B 373 8.41 -57.94 -37.88
N VAL B 374 7.76 -59.10 -37.73
CA VAL B 374 8.20 -60.32 -38.40
C VAL B 374 8.14 -60.16 -39.92
N GLU B 375 7.21 -59.32 -40.40
CA GLU B 375 7.11 -59.03 -41.82
C GLU B 375 8.45 -58.63 -42.41
N VAL B 376 9.29 -57.97 -41.62
CA VAL B 376 10.62 -57.56 -42.06
C VAL B 376 11.55 -58.75 -41.99
N SER B 377 12.23 -59.04 -43.10
CA SER B 377 13.22 -60.09 -43.14
C SER B 377 14.57 -59.58 -42.63
N ARG B 378 15.35 -60.49 -42.06
CA ARG B 378 16.67 -60.12 -41.55
C ARG B 378 17.59 -59.67 -42.67
N LYS B 379 17.41 -60.21 -43.88
CA LYS B 379 18.24 -59.83 -45.01
C LYS B 379 18.01 -58.37 -45.40
N ASN B 380 16.86 -57.83 -45.05
CA ASN B 380 16.51 -56.45 -45.39
C ASN B 380 17.38 -55.51 -44.57
N PRO B 381 18.12 -54.59 -45.20
CA PRO B 381 18.87 -53.59 -44.42
C PRO B 381 17.97 -52.71 -43.57
N LYS B 382 16.67 -52.64 -43.87
CA LYS B 382 15.75 -51.89 -43.04
C LYS B 382 15.61 -52.54 -41.66
N PHE B 383 15.88 -53.85 -41.57
CA PHE B 383 15.76 -54.55 -40.30
C PHE B 383 16.65 -53.93 -39.23
N MET B 384 17.94 -53.81 -39.54
CA MET B 384 18.87 -53.17 -38.59
C MET B 384 18.64 -51.67 -38.51
N GLU B 385 18.20 -51.05 -39.61
CA GLU B 385 17.87 -49.63 -39.57
C GLU B 385 16.74 -49.35 -38.58
N THR B 386 15.78 -50.28 -38.48
CA THR B 386 14.72 -50.14 -37.49
C THR B 386 15.23 -50.41 -36.09
N VAL B 387 16.02 -51.48 -35.94
CA VAL B 387 16.59 -51.83 -34.64
C VAL B 387 17.40 -50.67 -34.08
N ALA B 388 18.25 -50.08 -34.92
CA ALA B 388 19.09 -48.98 -34.48
C ALA B 388 18.26 -47.78 -34.05
N GLU B 389 17.34 -47.34 -34.91
CA GLU B 389 16.55 -46.15 -34.63
C GLU B 389 15.77 -46.30 -33.32
N LYS B 390 15.06 -47.41 -33.17
CA LYS B 390 14.29 -47.61 -31.95
C LYS B 390 15.20 -47.74 -30.74
N ALA B 391 16.35 -48.38 -30.89
CA ALA B 391 17.28 -48.53 -29.77
C ALA B 391 17.84 -47.19 -29.34
N LEU B 392 18.24 -46.36 -30.30
CA LEU B 392 18.79 -45.05 -29.97
C LEU B 392 17.77 -44.20 -29.23
N GLN B 393 16.48 -44.36 -29.54
CA GLN B 393 15.45 -43.61 -28.83
C GLN B 393 15.39 -44.03 -27.37
N GLU B 394 15.42 -45.34 -27.11
CA GLU B 394 15.35 -45.82 -25.73
C GLU B 394 16.57 -45.39 -24.93
N TYR B 395 17.75 -45.39 -25.56
CA TYR B 395 18.95 -44.93 -24.87
C TYR B 395 18.91 -43.43 -24.65
N ARG B 396 18.33 -42.67 -25.59
CA ARG B 396 18.23 -41.23 -25.42
C ARG B 396 17.30 -40.88 -24.27
N LYS B 397 16.17 -41.59 -24.15
CA LYS B 397 15.24 -41.33 -23.05
C LYS B 397 15.87 -41.67 -21.71
N LYS B 398 16.65 -42.74 -21.66
CA LYS B 398 17.33 -43.13 -20.43
C LYS B 398 18.79 -42.72 -20.47
C1 NAG C . 32.55 38.36 48.37
C2 NAG C . 31.77 39.66 48.39
C3 NAG C . 32.61 40.77 47.76
C4 NAG C . 34.00 40.87 48.41
C5 NAG C . 34.68 39.50 48.40
C6 NAG C . 36.02 39.47 49.13
C7 NAG C . 29.30 39.79 48.20
C8 NAG C . 29.29 40.37 49.58
N2 NAG C . 30.51 39.50 47.69
O3 NAG C . 31.93 42.02 47.86
O4 NAG C . 34.83 41.79 47.72
O5 NAG C . 33.83 38.53 49.03
O6 NAG C . 35.89 39.67 50.54
O7 NAG C . 28.27 39.61 47.56
C1 NAG C . 35.02 42.93 48.57
C2 NAG C . 36.36 43.62 48.23
C3 NAG C . 36.51 44.89 49.07
C4 NAG C . 35.31 45.81 48.88
C5 NAG C . 34.00 45.06 49.17
C6 NAG C . 32.77 45.87 48.84
C7 NAG C . 38.06 41.99 47.50
C8 NAG C . 39.20 41.13 47.93
N2 NAG C . 37.47 42.71 48.47
O3 NAG C . 37.70 45.57 48.71
O4 NAG C . 35.42 46.93 49.75
O5 NAG C . 33.93 43.87 48.37
O6 NAG C . 32.68 46.20 47.46
O7 NAG C . 37.70 42.06 46.34
C1 NAG D . -42.73 10.18 -11.67
C2 NAG D . -43.44 11.29 -12.44
C3 NAG D . -44.95 11.08 -12.43
C4 NAG D . -45.34 9.66 -12.84
C5 NAG D . -44.51 8.60 -12.09
C6 NAG D . -44.60 7.19 -12.64
C7 NAG D . -42.23 13.44 -12.41
C8 NAG D . -42.00 14.72 -11.67
N2 NAG D . -43.10 12.59 -11.87
O3 NAG D . -45.58 12.02 -13.30
O4 NAG D . -46.76 9.59 -12.63
O5 NAG D . -43.11 8.94 -12.17
O6 NAG D . -43.72 6.97 -13.74
O7 NAG D . -41.64 13.18 -13.46
C1 NAG D . -47.47 8.33 -12.46
C2 NAG D . -48.23 8.39 -11.12
C3 NAG D . -48.97 7.06 -10.89
C4 NAG D . -49.83 6.70 -12.09
C5 NAG D . -49.02 6.75 -13.38
C6 NAG D . -49.85 6.52 -14.63
C7 NAG D . -47.16 9.91 -9.49
C8 NAG D . -46.18 10.04 -8.38
N2 NAG D . -47.33 8.69 -10.01
O3 NAG D . -49.78 7.18 -9.72
O4 NAG D . -50.37 5.40 -11.95
O5 NAG D . -48.40 8.04 -13.53
O6 NAG D . -50.99 7.37 -14.67
O7 NAG D . -47.79 10.88 -9.91
C1 NAG E . -26.90 0.01 3.65
C2 NAG E . -26.36 -0.59 4.94
C3 NAG E . -27.40 -1.55 5.54
C4 NAG E . -28.76 -0.87 5.67
C5 NAG E . -29.19 -0.20 4.37
C6 NAG E . -30.44 0.64 4.51
C7 NAG E . -23.90 -0.71 4.91
C8 NAG E . -22.70 -1.57 4.64
N2 NAG E . -25.10 -1.28 4.73
O3 NAG E . -26.96 -1.98 6.82
O4 NAG E . -29.77 -1.83 5.99
O5 NAG E . -28.15 0.68 3.90
O6 NAG E . -30.49 1.31 5.77
O7 NAG E . -23.78 0.45 5.28
C1 NAG E . -30.15 -1.77 7.37
C2 NAG E . -31.54 -2.38 7.51
C3 NAG E . -31.95 -2.42 8.99
C4 NAG E . -30.89 -3.13 9.82
C5 NAG E . -29.52 -2.51 9.60
C6 NAG E . -28.40 -3.26 10.29
C7 NAG E . -33.06 -2.12 5.58
C8 NAG E . -34.04 -1.21 4.90
N2 NAG E . -32.52 -1.65 6.72
O3 NAG E . -33.20 -3.10 9.12
O4 NAG E . -31.23 -3.06 11.20
O5 NAG E . -29.21 -2.48 8.21
O6 NAG E . -28.25 -4.59 9.82
O7 NAG E . -32.77 -3.22 5.13
C1 NAG F . 1.99 -24.06 -28.83
C2 NAG F . 1.48 -25.12 -27.87
C3 NAG F . 0.33 -25.88 -28.52
C4 NAG F . -0.75 -24.91 -28.99
C5 NAG F . -0.15 -23.80 -29.86
C6 NAG F . -1.13 -22.71 -30.19
C7 NAG F . 3.35 -25.82 -26.44
C8 NAG F . 4.40 -26.87 -26.18
N2 NAG F . 2.54 -26.04 -27.49
O3 NAG F . -0.22 -26.81 -27.59
O4 NAG F . -1.73 -25.59 -29.76
O5 NAG F . 0.94 -23.17 -29.16
O6 NAG F . -0.50 -21.60 -30.82
O7 NAG F . 3.23 -24.83 -25.73
C1 NAG F . -2.93 -25.76 -28.98
C2 NAG F . -4.07 -26.17 -29.93
C3 NAG F . -5.35 -26.44 -29.14
C4 NAG F . -5.09 -27.46 -28.03
C5 NAG F . -3.92 -26.99 -27.15
C6 NAG F . -3.54 -28.00 -26.10
C7 NAG F . -3.65 -25.10 -32.10
C8 NAG F . -4.01 -23.97 -33.02
N2 NAG F . -4.30 -25.14 -30.93
O3 NAG F . -6.36 -26.92 -30.01
O4 NAG F . -6.25 -27.63 -27.22
O5 NAG F . -2.77 -26.78 -27.96
O6 NAG F . -2.95 -29.16 -26.67
O7 NAG F . -2.80 -25.93 -32.40
C1 NAG G . 32.23 -36.30 -21.68
C2 NAG G . 31.45 -34.99 -21.46
C3 NAG G . 32.12 -34.14 -20.36
C4 NAG G . 32.48 -34.95 -19.13
C5 NAG G . 33.21 -36.24 -19.51
C6 NAG G . 33.48 -37.16 -18.34
C7 NAG G . 30.22 -34.03 -23.37
C8 NAG G . 30.34 -33.24 -24.64
N2 NAG G . 31.37 -34.24 -22.70
O3 NAG G . 31.25 -33.07 -20.00
O4 NAG G . 33.34 -34.17 -18.31
O5 NAG G . 32.40 -36.97 -20.44
O6 NAG G . 32.31 -37.83 -17.90
O7 NAG G . 29.15 -34.47 -22.97
C1 NAG G . 32.90 -34.08 -16.94
C2 NAG G . 33.99 -33.30 -16.20
C3 NAG G . 33.61 -33.13 -14.73
C4 NAG G . 32.22 -32.52 -14.60
C5 NAG G . 31.21 -33.32 -15.40
C6 NAG G . 29.84 -32.69 -15.42
C7 NAG G . 36.12 -33.70 -17.37
C8 NAG G . 37.42 -34.46 -17.35
N2 NAG G . 35.30 -33.93 -16.33
O3 NAG G . 34.57 -32.29 -14.08
O4 NAG G . 31.82 -32.47 -13.23
O5 NAG G . 31.63 -33.42 -16.77
O6 NAG G . 29.83 -31.49 -16.20
O7 NAG G . 35.83 -32.93 -18.27
C1 NAG H . 20.42 3.22 47.13
C2 NAG H . 19.37 2.53 48.00
C3 NAG H . 20.04 1.71 49.09
C4 NAG H . 21.06 0.75 48.48
C5 NAG H . 22.04 1.49 47.58
C6 NAG H . 22.97 0.54 46.84
C7 NAG H . 17.24 3.78 48.04
C8 NAG H . 16.43 4.81 48.78
N2 NAG H . 18.43 3.50 48.58
O3 NAG H . 19.05 0.97 49.80
O4 NAG H . 21.79 0.08 49.51
O5 NAG H . 21.33 2.22 46.58
O6 NAG H . 22.32 -0.09 45.74
O7 NAG H . 16.84 3.25 47.02
C1 NAG I . 50.42 19.89 48.04
C2 NAG I . 50.74 18.41 48.29
C3 NAG I . 52.13 18.27 48.90
C4 NAG I . 53.16 18.99 48.01
C5 NAG I . 52.74 20.43 47.75
C6 NAG I . 53.64 21.14 46.77
C7 NAG I . 48.70 17.09 48.68
C8 NAG I . 47.77 16.53 49.71
N2 NAG I . 49.74 17.79 49.15
O3 NAG I . 52.47 16.89 49.01
O4 NAG I . 54.44 19.00 48.65
O5 NAG I . 51.42 20.46 47.18
O6 NAG I . 53.56 20.57 45.47
O7 NAG I . 48.52 16.91 47.48
C1 NAG J . 19.03 28.92 42.81
C2 NAG J . 17.70 28.58 43.49
C3 NAG J . 17.92 28.44 45.00
C4 NAG J . 19.04 27.43 45.28
C5 NAG J . 20.30 27.80 44.50
C6 NAG J . 21.39 26.75 44.62
C7 NAG J . 15.70 29.40 42.32
C8 NAG J . 14.74 30.53 42.16
N2 NAG J . 16.68 29.58 43.21
O3 NAG J . 16.70 28.00 45.61
O4 NAG J . 19.35 27.40 46.67
O5 NAG J . 20.00 27.91 43.09
O6 NAG J . 21.05 25.55 43.95
O7 NAG J . 15.60 28.36 41.68
C1 NAG K . -1.48 15.25 18.44
C2 NAG K . -1.18 16.50 17.60
C3 NAG K . -0.27 16.15 16.43
C4 NAG K . 0.99 15.46 16.95
C5 NAG K . 0.62 14.26 17.82
C6 NAG K . 1.82 13.63 18.48
C7 NAG K . -2.89 18.26 17.63
C8 NAG K . -4.16 18.78 17.00
N2 NAG K . -2.41 17.12 17.12
O3 NAG K . 0.05 17.32 15.69
O4 NAG K . 1.78 15.00 15.85
O5 NAG K . -0.25 14.68 18.88
O6 NAG K . 1.43 12.90 19.64
O7 NAG K . -2.34 18.84 18.55
C1 NAG L . -32.14 28.01 18.85
C2 NAG L . -30.90 28.90 19.02
C3 NAG L . -30.89 29.56 20.40
C4 NAG L . -32.20 30.31 20.65
C5 NAG L . -33.38 29.35 20.49
C6 NAG L . -34.72 30.06 20.61
C7 NAG L . -28.84 28.36 17.78
C8 NAG L . -27.61 27.50 17.75
N2 NAG L . -29.67 28.16 18.82
O3 NAG L . -29.79 30.46 20.48
O4 NAG L . -32.21 30.83 21.98
O5 NAG L . -33.35 28.77 19.18
O6 NAG L . -34.82 31.16 19.74
O7 NAG L . -29.07 29.20 16.91
C1 NAG M . -11.90 11.49 -29.73
C2 NAG M . -11.37 11.95 -31.08
C3 NAG M . -10.97 13.42 -30.99
C4 NAG M . -12.17 14.25 -30.54
C5 NAG M . -12.80 13.70 -29.26
C6 NAG M . -14.13 14.36 -28.93
C7 NAG M . -10.40 9.82 -31.88
C8 NAG M . -9.17 9.14 -32.42
N2 NAG M . -10.28 11.12 -31.60
O3 NAG M . -10.47 13.90 -32.24
O4 NAG M . -11.81 15.62 -30.35
O5 NAG M . -13.06 12.29 -29.36
O6 NAG M . -14.70 14.96 -30.10
O7 NAG M . -11.47 9.20 -31.69
C1 NAG N . -14.86 -2.85 -6.44
C2 NAG N . -13.83 -2.24 -5.49
C3 NAG N . -14.35 -0.90 -4.98
C4 NAG N . -14.70 0.02 -6.14
C5 NAG N . -15.65 -0.68 -7.12
C6 NAG N . -15.87 0.11 -8.40
C7 NAG N . -12.28 -3.52 -4.12
C8 NAG N . -12.12 -4.46 -2.96
N2 NAG N . -13.52 -3.13 -4.39
O3 NAG N . -13.37 -0.29 -4.14
O4 NAG N . -15.32 1.21 -5.64
O5 NAG N . -15.11 -1.95 -7.52
O6 NAG N . -14.62 0.47 -9.00
O7 NAG N . -11.31 -3.15 -4.79
#